data_9N3S
#
_entry.id   9N3S
#
_cell.length_a   43.447
_cell.length_b   57.090
_cell.length_c   84.088
_cell.angle_alpha   85.57
_cell.angle_beta   75.31
_cell.angle_gamma   75.13
#
_symmetry.space_group_name_H-M   'P 1'
#
loop_
_entity.id
_entity.type
_entity.pdbx_description
1 polymer 'Initiation-specific alpha-1,6-mannosyltransferase'
2 branched 2-acetamido-2-deoxy-beta-D-glucopyranose-(1-4)-2-acetamido-2-deoxy-beta-D-glucopyranose
3 branched alpha-D-mannopyranose-(1-2)-alpha-D-mannopyranose-(1-3)-beta-D-mannopyranose-(1-4)-2-acetamido-2-deoxy-beta-D-glucopyranose-(1-4)-2-acetamido-2-deoxy-beta-D-glucopyranose
4 branched alpha-D-mannopyranose-(1-3)-beta-D-mannopyranose-(1-4)-2-acetamido-2-deoxy-beta-D-glucopyranose-(1-4)-2-acetamido-2-deoxy-beta-D-glucopyranose
5 non-polymer 2-acetamido-2-deoxy-beta-D-glucopyranose
6 water water
#
_entity_poly.entity_id   1
_entity_poly.type   'polypeptide(L)'
_entity_poly.pdbx_seq_one_letter_code
;QTLLPTTSHSQDINLKKQITVNKKKNQLHNLRDQLSFAFPYDSQAPIPQRVWQTWKVGADDKNFPSSFRTYQKTWSGSYS
PDYQYSLISDDSIIPFLENLYAPVPIVIQAFKLMPGNILKADFLRYLLLFARGGIYSDMDTMLLKPIDSWPSQNKSWLNN
IIDLNKPIPYKNSKPSLLSSDEISHQPGLVIGIEADPDRDDWSEWYARRIQFCQWTIQAKPGHPILRELILNITATTLAS
VQNPGVPVSEMIDPRFEEDYNVNYRHKRRHDETYKHSELKNNKNVDGSDIMNWTGPGIFSDIIFEYMNNVLRYNSDILLI
NPNLNKNDEEGSESATTPAKDVDNDTLSKSTRKFYKKISESLQSSNSMPWEFFSFLKEPVIVDDVMVLPITSFSPDVGQM
GAQSSDDKMAFVKHMFSGSWKEDADKNAGHK
;
_entity_poly.pdbx_strand_id   A,B
#
loop_
_chem_comp.id
_chem_comp.type
_chem_comp.name
_chem_comp.formula
BMA D-saccharide, beta linking beta-D-mannopyranose 'C6 H12 O6'
MAN D-saccharide, alpha linking alpha-D-mannopyranose 'C6 H12 O6'
NAG D-saccharide, beta linking 2-acetamido-2-deoxy-beta-D-glucopyranose 'C8 H15 N O6'
#
# COMPACT_ATOMS: atom_id res chain seq x y z
N THR A 2 -43.06 16.76 -7.20
CA THR A 2 -41.87 16.87 -8.04
C THR A 2 -42.15 16.20 -9.41
N LEU A 3 -41.45 16.62 -10.45
CA LEU A 3 -41.28 15.86 -11.69
C LEU A 3 -39.88 15.27 -11.71
N LEU A 4 -39.75 14.04 -12.20
CA LEU A 4 -38.50 13.26 -12.25
C LEU A 4 -38.05 13.10 -13.70
N PRO A 5 -37.19 13.99 -14.21
CA PRO A 5 -36.77 13.87 -15.61
C PRO A 5 -35.84 12.66 -15.78
N THR A 6 -35.60 12.30 -17.04
CA THR A 6 -34.61 11.27 -17.31
C THR A 6 -33.24 11.92 -17.50
N THR A 7 -32.19 11.10 -17.49
CA THR A 7 -30.86 11.55 -17.88
C THR A 7 -30.47 11.06 -19.27
N SER A 8 -31.20 10.09 -19.81
CA SER A 8 -30.83 9.46 -21.06
C SER A 8 -31.49 10.09 -22.27
N HIS A 9 -32.42 11.03 -22.05
CA HIS A 9 -33.06 11.78 -23.13
C HIS A 9 -33.03 13.26 -22.83
N SER A 10 -31.87 13.76 -22.41
CA SER A 10 -31.67 15.18 -22.18
C SER A 10 -30.95 15.85 -23.33
N GLN A 11 -30.90 15.22 -24.51
CA GLN A 11 -30.30 15.84 -25.68
C GLN A 11 -30.96 17.16 -26.07
N ASP A 12 -32.16 17.44 -25.54
CA ASP A 12 -32.88 18.67 -25.81
C ASP A 12 -32.59 19.77 -24.80
N ILE A 13 -31.78 19.49 -23.78
CA ILE A 13 -31.48 20.39 -22.67
C ILE A 13 -29.96 20.62 -22.61
N ASN A 14 -29.55 21.87 -22.38
CA ASN A 14 -28.15 22.21 -22.12
C ASN A 14 -27.86 21.93 -20.65
N LEU A 15 -27.11 20.86 -20.38
CA LEU A 15 -26.93 20.45 -18.99
C LEU A 15 -26.05 21.38 -18.17
N LYS A 16 -25.21 22.20 -18.82
CA LYS A 16 -24.39 23.16 -18.07
C LYS A 16 -25.15 24.44 -17.74
N LYS A 17 -26.28 24.66 -18.40
CA LYS A 17 -26.98 25.93 -18.36
C LYS A 17 -27.67 26.15 -17.01
N GLN A 18 -27.44 27.31 -16.39
CA GLN A 18 -28.10 27.64 -15.14
C GLN A 18 -29.56 28.01 -15.39
N ILE A 19 -30.47 27.46 -14.60
CA ILE A 19 -31.88 27.83 -14.64
C ILE A 19 -32.12 28.80 -13.50
N THR A 20 -32.65 29.98 -13.84
CA THR A 20 -32.92 31.01 -12.84
C THR A 20 -34.42 31.16 -12.64
N VAL A 21 -34.77 31.77 -11.50
CA VAL A 21 -36.15 32.12 -11.18
C VAL A 21 -36.21 33.60 -10.86
N ASN A 22 -37.37 34.20 -11.09
CA ASN A 22 -37.69 35.45 -10.42
C ASN A 22 -38.41 35.10 -9.12
N LYS A 23 -38.31 36.00 -8.14
CA LYS A 23 -38.85 35.72 -6.80
C LYS A 23 -38.38 34.36 -6.27
N LEU A 28 -37.65 24.60 -8.21
CA LEU A 28 -39.03 24.65 -7.74
C LEU A 28 -39.68 23.25 -7.85
N HIS A 29 -40.10 22.83 -9.05
CA HIS A 29 -40.80 21.54 -9.20
C HIS A 29 -39.92 20.42 -9.76
N ASN A 30 -39.15 20.71 -10.80
CA ASN A 30 -38.34 19.73 -11.51
C ASN A 30 -37.15 19.31 -10.63
N LEU A 31 -36.94 18.00 -10.43
CA LEU A 31 -35.85 17.57 -9.53
C LEU A 31 -34.46 17.99 -10.03
N ARG A 32 -34.24 18.04 -11.35
CA ARG A 32 -32.97 18.57 -11.84
C ARG A 32 -32.75 20.00 -11.36
N ASP A 33 -33.75 20.87 -11.55
CA ASP A 33 -33.62 22.25 -11.13
C ASP A 33 -33.53 22.38 -9.62
N GLN A 34 -34.22 21.51 -8.88
CA GLN A 34 -34.20 21.59 -7.42
C GLN A 34 -32.82 21.27 -6.87
N LEU A 35 -32.16 20.25 -7.43
CA LEU A 35 -30.80 19.92 -7.03
C LEU A 35 -29.83 21.07 -7.34
N SER A 36 -29.96 21.66 -8.53
CA SER A 36 -29.09 22.78 -8.91
C SER A 36 -29.24 23.95 -7.96
N PHE A 37 -30.48 24.28 -7.60
CA PHE A 37 -30.72 25.40 -6.69
C PHE A 37 -30.13 25.15 -5.31
N ALA A 38 -30.30 23.95 -4.77
CA ALA A 38 -29.86 23.71 -3.40
C ALA A 38 -28.37 23.47 -3.28
N PHE A 39 -27.73 22.96 -4.33
CA PHE A 39 -26.29 22.68 -4.34
C PHE A 39 -25.67 23.30 -5.58
N PRO A 40 -25.45 24.62 -5.57
CA PRO A 40 -24.92 25.29 -6.77
C PRO A 40 -23.48 24.90 -7.08
N TYR A 41 -23.17 24.89 -8.37
CA TYR A 41 -21.82 24.57 -8.83
C TYR A 41 -21.02 25.86 -8.97
N ASP A 42 -19.85 25.89 -8.35
CA ASP A 42 -18.93 27.02 -8.46
C ASP A 42 -17.66 26.57 -9.16
N SER A 43 -17.58 26.77 -10.48
CA SER A 43 -16.38 26.35 -11.19
C SER A 43 -15.13 27.15 -10.81
N GLN A 44 -15.29 28.32 -10.17
CA GLN A 44 -14.12 29.13 -9.82
C GLN A 44 -13.47 28.75 -8.48
N ALA A 45 -14.21 28.12 -7.57
CA ALA A 45 -13.72 27.75 -6.26
C ALA A 45 -12.93 26.44 -6.36
N PRO A 46 -11.94 26.25 -5.48
CA PRO A 46 -11.15 25.02 -5.51
C PRO A 46 -11.94 23.84 -4.93
N ILE A 47 -11.49 22.65 -5.28
CA ILE A 47 -11.98 21.40 -4.66
C ILE A 47 -11.77 21.49 -3.16
N PRO A 48 -12.78 21.22 -2.34
CA PRO A 48 -12.57 21.19 -0.89
C PRO A 48 -11.53 20.15 -0.50
N GLN A 49 -10.67 20.51 0.46
CA GLN A 49 -9.59 19.62 0.92
C GLN A 49 -10.15 18.74 2.04
N ARG A 50 -10.94 17.75 1.64
CA ARG A 50 -11.70 16.96 2.57
C ARG A 50 -11.84 15.56 2.02
N VAL A 51 -11.78 14.56 2.91
CA VAL A 51 -11.85 13.15 2.54
C VAL A 51 -13.06 12.54 3.24
N TRP A 52 -13.86 11.79 2.49
CA TRP A 52 -15.04 11.11 3.03
C TRP A 52 -14.84 9.60 2.96
N GLN A 53 -15.13 8.91 4.07
CA GLN A 53 -15.23 7.46 4.05
C GLN A 53 -16.44 7.05 4.87
N THR A 54 -16.91 5.83 4.63
CA THR A 54 -18.00 5.30 5.44
C THR A 54 -17.77 3.83 5.75
N TRP A 55 -18.25 3.41 6.92
CA TRP A 55 -18.31 1.99 7.25
C TRP A 55 -19.42 1.77 8.27
N LYS A 56 -19.74 0.49 8.49
CA LYS A 56 -20.73 0.14 9.51
C LYS A 56 -20.36 0.74 10.87
N VAL A 57 -19.09 0.67 11.24
CA VAL A 57 -18.61 1.16 12.53
C VAL A 57 -17.46 2.13 12.32
N GLY A 58 -17.16 2.90 13.37
CA GLY A 58 -15.99 3.74 13.38
C GLY A 58 -14.69 2.93 13.47
N ALA A 59 -13.57 3.64 13.32
CA ALA A 59 -12.29 2.96 13.18
C ALA A 59 -11.83 2.37 14.50
N ASP A 60 -12.12 3.04 15.63
CA ASP A 60 -11.78 2.55 16.95
C ASP A 60 -12.84 1.61 17.52
N ASP A 61 -13.78 1.16 16.69
CA ASP A 61 -14.76 0.17 17.12
C ASP A 61 -14.13 -1.22 17.13
N LYS A 62 -14.57 -2.04 18.08
CA LYS A 62 -14.01 -3.39 18.22
C LYS A 62 -14.32 -4.26 17.02
N ASN A 63 -15.41 -3.99 16.32
CA ASN A 63 -15.78 -4.76 15.14
C ASN A 63 -15.22 -4.18 13.84
N PHE A 64 -14.53 -3.04 13.89
CA PHE A 64 -13.93 -2.51 12.68
C PHE A 64 -12.97 -3.54 12.10
N PRO A 65 -13.11 -3.91 10.82
CA PRO A 65 -12.30 -5.01 10.28
C PRO A 65 -10.81 -4.70 10.40
N SER A 66 -10.05 -5.71 10.84
CA SER A 66 -8.63 -5.47 11.09
C SER A 66 -7.87 -5.28 9.77
N SER A 67 -8.30 -5.98 8.71
CA SER A 67 -7.66 -5.87 7.40
C SER A 67 -7.82 -4.50 6.75
N PHE A 68 -8.63 -3.60 7.32
CA PHE A 68 -8.81 -2.25 6.80
C PHE A 68 -8.10 -1.20 7.62
N ARG A 69 -7.61 -1.54 8.82
CA ARG A 69 -7.12 -0.52 9.75
C ARG A 69 -5.88 0.16 9.21
N THR A 70 -5.03 -0.59 8.53
CA THR A 70 -3.85 -0.05 7.87
C THR A 70 -4.23 0.90 6.73
N TYR A 71 -5.19 0.50 5.88
CA TYR A 71 -5.59 1.34 4.75
C TYR A 71 -6.12 2.69 5.24
N GLN A 72 -6.98 2.65 6.24
CA GLN A 72 -7.66 3.85 6.70
C GLN A 72 -6.71 4.88 7.29
N LYS A 73 -5.55 4.43 7.81
CA LYS A 73 -4.61 5.41 8.35
C LYS A 73 -4.02 6.27 7.25
N THR A 74 -3.88 5.74 6.03
CA THR A 74 -3.31 6.56 4.96
C THR A 74 -4.20 7.73 4.63
N TRP A 75 -5.51 7.61 4.86
CA TRP A 75 -6.46 8.67 4.55
C TRP A 75 -6.69 9.61 5.72
N SER A 76 -6.55 9.12 6.93
CA SER A 76 -7.04 9.83 8.09
C SER A 76 -5.98 10.71 8.74
N GLY A 77 -4.78 10.76 8.17
CA GLY A 77 -3.70 11.40 8.86
C GLY A 77 -3.90 12.89 8.95
N SER A 78 -2.87 13.57 9.44
CA SER A 78 -2.74 14.97 9.14
C SER A 78 -2.15 15.11 7.75
N TYR A 79 -2.54 16.16 7.05
CA TYR A 79 -2.11 16.29 5.66
C TYR A 79 -1.97 17.75 5.27
N SER A 80 -1.45 18.55 6.20
CA SER A 80 -1.23 19.98 5.99
C SER A 80 -2.54 20.71 5.68
N TYR A 83 -5.32 17.65 5.28
CA TYR A 83 -6.64 17.41 4.71
C TYR A 83 -7.61 16.89 5.76
N GLN A 84 -8.77 17.56 5.88
CA GLN A 84 -9.80 17.12 6.82
C GLN A 84 -10.38 15.76 6.43
N TYR A 85 -10.48 14.86 7.41
CA TYR A 85 -10.93 13.50 7.20
C TYR A 85 -12.22 13.27 7.99
N SER A 86 -13.19 12.63 7.35
CA SER A 86 -14.47 12.32 7.98
C SER A 86 -14.89 10.88 7.67
N LEU A 87 -15.04 10.06 8.69
CA LEU A 87 -15.59 8.71 8.54
C LEU A 87 -17.01 8.72 9.10
N ILE A 88 -17.99 8.53 8.24
CA ILE A 88 -19.41 8.54 8.63
C ILE A 88 -19.82 7.10 8.93
N SER A 89 -20.02 6.79 10.21
CA SER A 89 -20.45 5.46 10.61
C SER A 89 -21.92 5.24 10.22
N ASP A 90 -22.36 3.99 10.28
CA ASP A 90 -23.70 3.69 9.80
C ASP A 90 -24.77 4.33 10.67
N ASP A 91 -24.50 4.49 11.97
CA ASP A 91 -25.44 5.16 12.86
C ASP A 91 -25.61 6.65 12.51
N SER A 92 -24.64 7.24 11.82
CA SER A 92 -24.67 8.65 11.48
C SER A 92 -25.16 8.93 10.07
N ILE A 93 -25.27 7.92 9.21
CA ILE A 93 -25.50 8.19 7.79
C ILE A 93 -26.86 8.86 7.59
N ILE A 94 -27.90 8.33 8.21
CA ILE A 94 -29.26 8.79 7.91
C ILE A 94 -29.49 10.22 8.42
N PRO A 95 -29.18 10.55 9.67
CA PRO A 95 -29.35 11.95 10.10
C PRO A 95 -28.45 12.92 9.34
N PHE A 96 -27.29 12.46 8.86
CA PHE A 96 -26.40 13.35 8.09
C PHE A 96 -27.01 13.64 6.72
N LEU A 97 -27.50 12.60 6.03
CA LEU A 97 -28.19 12.83 4.77
C LEU A 97 -29.48 13.61 4.97
N GLU A 98 -30.15 13.42 6.11
CA GLU A 98 -31.37 14.19 6.38
C GLU A 98 -31.05 15.66 6.55
N ASN A 99 -29.96 15.98 7.26
CA ASN A 99 -29.53 17.37 7.35
C ASN A 99 -29.08 17.90 5.99
N LEU A 100 -28.35 17.08 5.22
CA LEU A 100 -27.77 17.53 3.96
C LEU A 100 -28.84 17.76 2.89
N TYR A 101 -29.76 16.82 2.74
CA TYR A 101 -30.72 16.88 1.66
C TYR A 101 -32.11 17.33 2.14
N ALA A 102 -32.19 17.93 3.32
CA ALA A 102 -33.40 18.61 3.79
C ALA A 102 -34.01 19.49 2.70
N PRO A 103 -33.25 20.28 1.94
CA PRO A 103 -33.89 21.07 0.86
C PRO A 103 -34.52 20.24 -0.23
N VAL A 104 -34.10 19.00 -0.43
CA VAL A 104 -34.58 18.18 -1.54
C VAL A 104 -34.99 16.82 -0.97
N PRO A 105 -36.06 16.76 -0.17
CA PRO A 105 -36.28 15.57 0.68
C PRO A 105 -36.53 14.29 -0.09
N ILE A 106 -37.02 14.35 -1.33
CA ILE A 106 -37.31 13.12 -2.06
C ILE A 106 -36.04 12.31 -2.30
N VAL A 107 -34.88 12.98 -2.35
CA VAL A 107 -33.61 12.27 -2.51
C VAL A 107 -33.37 11.35 -1.32
N ILE A 108 -33.61 11.83 -0.10
CA ILE A 108 -33.36 10.97 1.07
C ILE A 108 -34.44 9.91 1.19
N GLN A 109 -35.68 10.25 0.83
CA GLN A 109 -36.74 9.23 0.84
C GLN A 109 -36.31 8.03 0.01
N ALA A 110 -35.82 8.29 -1.22
CA ALA A 110 -35.35 7.23 -2.11
C ALA A 110 -34.20 6.44 -1.50
N PHE A 111 -33.19 7.12 -0.97
CA PHE A 111 -32.07 6.43 -0.32
C PHE A 111 -32.56 5.43 0.73
N LYS A 112 -33.46 5.87 1.60
CA LYS A 112 -34.01 5.00 2.64
C LYS A 112 -34.79 3.83 2.07
N LEU A 113 -35.36 3.98 0.87
CA LEU A 113 -36.16 2.90 0.31
C LEU A 113 -35.31 1.89 -0.46
N MET A 114 -34.05 2.17 -0.67
CA MET A 114 -33.19 1.25 -1.41
C MET A 114 -33.08 -0.09 -0.70
N PRO A 115 -33.41 -1.20 -1.37
CA PRO A 115 -33.35 -2.52 -0.71
C PRO A 115 -31.92 -3.00 -0.61
N GLY A 116 -31.41 -3.06 0.61
CA GLY A 116 -30.12 -3.70 0.76
C GLY A 116 -28.98 -2.71 0.85
N ASN A 117 -27.87 -3.21 1.39
CA ASN A 117 -26.78 -2.37 1.86
C ASN A 117 -25.83 -1.94 0.75
N ILE A 118 -25.80 -2.68 -0.37
CA ILE A 118 -24.82 -2.36 -1.41
C ILE A 118 -25.31 -1.23 -2.28
N LEU A 119 -26.61 -1.19 -2.59
CA LEU A 119 -27.13 -0.06 -3.35
C LEU A 119 -26.88 1.24 -2.59
N LYS A 120 -27.11 1.22 -1.27
CA LYS A 120 -26.96 2.43 -0.47
C LYS A 120 -25.50 2.89 -0.43
N ALA A 121 -24.56 1.97 -0.23
CA ALA A 121 -23.15 2.37 -0.13
C ALA A 121 -22.64 2.91 -1.46
N ASP A 122 -23.10 2.33 -2.57
CA ASP A 122 -22.83 2.90 -3.90
C ASP A 122 -23.35 4.33 -4.03
N PHE A 123 -24.65 4.52 -3.74
CA PHE A 123 -25.32 5.80 -3.93
C PHE A 123 -24.76 6.87 -2.99
N LEU A 124 -24.30 6.47 -1.81
CA LEU A 124 -23.86 7.43 -0.81
C LEU A 124 -22.71 8.31 -1.30
N ARG A 125 -21.76 7.71 -2.01
CA ARG A 125 -20.60 8.48 -2.47
C ARG A 125 -21.03 9.66 -3.34
N TYR A 126 -22.04 9.48 -4.19
CA TYR A 126 -22.48 10.57 -5.05
C TYR A 126 -23.21 11.62 -4.24
N LEU A 127 -24.01 11.20 -3.27
CA LEU A 127 -24.72 12.16 -2.42
C LEU A 127 -23.74 13.03 -1.63
N LEU A 128 -22.72 12.40 -1.06
CA LEU A 128 -21.76 13.14 -0.24
C LEU A 128 -20.98 14.13 -1.08
N LEU A 129 -20.51 13.70 -2.25
CA LEU A 129 -19.68 14.56 -3.09
C LEU A 129 -20.48 15.71 -3.68
N PHE A 130 -21.71 15.45 -4.14
CA PHE A 130 -22.54 16.50 -4.73
C PHE A 130 -22.83 17.59 -3.70
N ALA A 131 -23.06 17.21 -2.45
CA ALA A 131 -23.41 18.19 -1.41
C ALA A 131 -22.18 18.87 -0.82
N ARG A 132 -21.06 18.16 -0.66
CA ARG A 132 -19.91 18.75 0.02
C ARG A 132 -18.60 18.71 -0.78
N GLY A 133 -18.51 17.96 -1.86
CA GLY A 133 -17.25 17.84 -2.56
C GLY A 133 -16.14 17.21 -1.70
N GLY A 134 -14.93 17.20 -2.28
CA GLY A 134 -13.77 16.55 -1.69
C GLY A 134 -13.47 15.23 -2.37
N ILE A 135 -12.93 14.27 -1.64
CA ILE A 135 -12.66 12.93 -2.15
C ILE A 135 -13.50 11.93 -1.38
N TYR A 136 -14.14 11.03 -2.10
CA TYR A 136 -14.72 9.84 -1.49
C TYR A 136 -13.86 8.66 -1.89
N SER A 137 -13.49 7.81 -0.93
CA SER A 137 -12.75 6.60 -1.25
C SER A 137 -13.21 5.44 -0.37
N ASP A 138 -13.38 4.28 -0.98
CA ASP A 138 -13.85 3.10 -0.27
C ASP A 138 -12.85 2.70 0.82
N MET A 139 -13.34 1.94 1.80
CA MET A 139 -12.50 1.53 2.92
C MET A 139 -11.37 0.60 2.48
N ASP A 140 -11.52 -0.12 1.38
CA ASP A 140 -10.43 -0.98 0.90
C ASP A 140 -9.55 -0.26 -0.13
N THR A 141 -9.14 0.96 0.17
CA THR A 141 -8.24 1.71 -0.68
C THR A 141 -7.15 2.31 0.19
N MET A 142 -5.99 2.53 -0.41
CA MET A 142 -4.84 3.10 0.27
C MET A 142 -4.36 4.33 -0.47
N LEU A 143 -4.22 5.45 0.25
CA LEU A 143 -3.68 6.67 -0.36
C LEU A 143 -2.15 6.53 -0.50
N LEU A 144 -1.65 6.62 -1.74
CA LEU A 144 -0.23 6.42 -2.01
C LEU A 144 0.57 7.71 -1.98
N LYS A 145 0.01 8.80 -2.47
CA LYS A 145 0.68 10.08 -2.46
C LYS A 145 -0.26 11.12 -1.87
N PRO A 146 0.24 12.06 -1.06
CA PRO A 146 -0.63 13.07 -0.49
C PRO A 146 -1.46 13.77 -1.56
N ILE A 147 -2.67 14.17 -1.19
CA ILE A 147 -3.63 14.66 -2.17
C ILE A 147 -3.21 16.03 -2.69
N ASP A 148 -2.46 16.81 -1.91
CA ASP A 148 -1.98 18.07 -2.46
C ASP A 148 -0.92 17.86 -3.54
N SER A 149 -0.48 16.63 -3.78
CA SER A 149 0.47 16.36 -4.86
C SER A 149 -0.21 15.82 -6.11
N TRP A 150 -1.53 15.63 -6.06
CA TRP A 150 -2.30 15.13 -7.20
C TRP A 150 -2.38 16.18 -8.31
N PRO A 151 -2.53 15.74 -9.57
CA PRO A 151 -2.65 16.70 -10.68
C PRO A 151 -3.91 17.55 -10.62
N SER A 152 -4.93 17.12 -9.87
CA SER A 152 -6.10 17.96 -9.70
C SER A 152 -5.85 19.13 -8.77
N GLN A 153 -4.76 19.12 -8.00
CA GLN A 153 -4.55 20.02 -6.88
C GLN A 153 -3.26 20.82 -6.98
N ASN A 154 -2.17 20.17 -7.37
CA ASN A 154 -0.84 20.78 -7.39
C ASN A 154 -0.80 21.82 -8.50
N LYS A 155 -0.68 23.11 -8.11
CA LYS A 155 -0.62 24.20 -9.07
C LYS A 155 0.48 24.00 -10.10
N SER A 156 1.59 23.37 -9.70
CA SER A 156 2.69 23.10 -10.63
C SER A 156 2.28 22.14 -11.74
N TRP A 157 1.61 21.05 -11.37
CA TRP A 157 1.15 20.08 -12.35
C TRP A 157 0.12 20.71 -13.30
N LEU A 158 -0.87 21.39 -12.72
CA LEU A 158 -1.88 22.06 -13.56
C LEU A 158 -1.24 23.04 -14.52
N ASN A 159 -0.19 23.75 -14.08
CA ASN A 159 0.51 24.66 -14.97
C ASN A 159 1.24 23.92 -16.09
N ASN A 160 1.83 22.76 -15.78
CA ASN A 160 2.47 21.94 -16.81
C ASN A 160 1.46 21.49 -17.86
N ILE A 161 0.26 21.09 -17.43
CA ILE A 161 -0.79 20.75 -18.39
C ILE A 161 -1.14 21.97 -19.23
N ILE A 162 -1.28 23.14 -18.61
CA ILE A 162 -1.67 24.36 -19.32
C ILE A 162 -0.58 24.78 -20.31
N ASP A 163 0.69 24.75 -19.88
CA ASP A 163 1.78 25.26 -20.69
C ASP A 163 2.15 24.37 -21.88
N LEU A 164 1.85 23.08 -21.81
CA LEU A 164 2.28 22.15 -22.85
C LEU A 164 1.17 21.75 -23.81
N ASN A 165 -0.08 22.06 -23.51
CA ASN A 165 -1.21 21.59 -24.31
C ASN A 165 -2.16 22.72 -24.63
N LYS A 166 -2.50 22.88 -25.94
CA LYS A 166 -3.52 23.78 -26.44
C LYS A 166 -4.89 23.09 -26.43
N PRO A 167 -5.97 23.85 -26.27
CA PRO A 167 -7.31 23.25 -26.39
C PRO A 167 -7.48 22.57 -27.74
N ILE A 168 -8.19 21.46 -27.74
CA ILE A 168 -8.53 20.75 -28.97
C ILE A 168 -9.89 21.24 -29.44
N PRO A 169 -10.01 21.75 -30.66
CA PRO A 169 -11.30 22.31 -31.10
C PRO A 169 -12.26 21.17 -31.44
N TYR A 170 -13.52 21.55 -31.57
CA TYR A 170 -14.59 20.65 -31.98
C TYR A 170 -15.57 21.46 -32.83
N LYS A 171 -16.59 20.79 -33.39
CA LYS A 171 -17.42 21.44 -34.40
C LYS A 171 -18.06 22.72 -33.89
N ASN A 172 -18.58 22.70 -32.66
CA ASN A 172 -19.34 23.81 -32.12
C ASN A 172 -18.48 24.81 -31.34
N SER A 173 -17.17 24.70 -31.40
CA SER A 173 -16.30 25.54 -30.57
C SER A 173 -15.98 26.86 -31.27
N LYS A 174 -15.73 27.88 -30.45
CA LYS A 174 -15.24 29.16 -30.92
C LYS A 174 -13.87 29.42 -30.30
N PRO A 175 -12.81 29.52 -31.09
CA PRO A 175 -11.46 29.48 -30.53
C PRO A 175 -11.15 30.65 -29.61
N SER A 176 -11.76 31.81 -29.83
CA SER A 176 -11.48 32.95 -28.97
C SER A 176 -11.95 32.73 -27.55
N LEU A 177 -12.76 31.70 -27.32
CA LEU A 177 -13.25 31.35 -26.00
C LEU A 177 -12.47 30.24 -25.33
N LEU A 178 -11.62 29.52 -26.06
CA LEU A 178 -10.93 28.33 -25.56
C LEU A 178 -9.51 28.68 -25.14
N SER A 179 -9.23 28.56 -23.85
CA SER A 179 -7.86 28.71 -23.36
C SER A 179 -7.58 27.63 -22.33
N SER A 180 -6.35 27.13 -22.35
CA SER A 180 -6.00 26.03 -21.46
C SER A 180 -6.01 26.45 -20.01
N ASP A 181 -5.71 27.73 -19.71
CA ASP A 181 -5.48 28.10 -18.31
C ASP A 181 -6.76 28.16 -17.49
N GLU A 182 -7.94 27.96 -18.10
CA GLU A 182 -9.16 27.76 -17.31
C GLU A 182 -9.02 26.67 -16.26
N ILE A 183 -8.26 25.61 -16.55
CA ILE A 183 -8.16 24.48 -15.62
C ILE A 183 -7.35 24.85 -14.39
N SER A 184 -6.72 26.03 -14.34
CA SER A 184 -6.02 26.41 -13.12
C SER A 184 -6.97 26.60 -11.95
N HIS A 185 -8.28 26.74 -12.21
CA HIS A 185 -9.27 26.74 -11.13
C HIS A 185 -9.54 25.35 -10.55
N GLN A 186 -8.90 24.29 -11.10
CA GLN A 186 -9.01 22.88 -10.71
C GLN A 186 -10.22 22.23 -11.38
N PRO A 187 -10.14 20.95 -11.71
CA PRO A 187 -11.30 20.26 -12.26
C PRO A 187 -12.41 20.14 -11.22
N GLY A 188 -13.66 20.11 -11.70
CA GLY A 188 -14.79 19.88 -10.81
C GLY A 188 -15.13 18.42 -10.57
N LEU A 189 -14.53 17.52 -11.35
CA LEU A 189 -14.74 16.07 -11.19
C LEU A 189 -13.44 15.41 -11.64
N VAL A 190 -12.97 14.45 -10.86
CA VAL A 190 -11.70 13.75 -11.06
C VAL A 190 -12.00 12.27 -10.96
N ILE A 191 -11.82 11.55 -12.08
CA ILE A 191 -12.13 10.14 -12.16
C ILE A 191 -10.97 9.42 -12.85
N GLY A 192 -10.83 8.14 -12.56
CA GLY A 192 -9.77 7.32 -13.12
C GLY A 192 -10.32 6.18 -13.96
N ILE A 193 -9.64 5.89 -15.08
CA ILE A 193 -10.02 4.74 -15.88
C ILE A 193 -9.87 3.47 -15.07
N GLU A 194 -10.86 2.59 -15.16
CA GLU A 194 -10.73 1.26 -14.59
C GLU A 194 -10.39 0.21 -15.64
N ALA A 195 -11.12 0.24 -16.76
CA ALA A 195 -10.89 -0.67 -17.87
C ALA A 195 -10.70 0.16 -19.12
N ASP A 196 -9.59 -0.07 -19.80
CA ASP A 196 -9.32 0.60 -21.05
C ASP A 196 -10.36 0.18 -22.09
N PRO A 197 -10.90 1.13 -22.85
CA PRO A 197 -11.89 0.78 -23.89
C PRO A 197 -11.33 -0.11 -25.00
N ASP A 198 -10.02 -0.31 -25.06
CA ASP A 198 -9.39 -1.10 -26.13
C ASP A 198 -8.89 -2.47 -25.64
N ARG A 199 -9.41 -2.96 -24.52
CA ARG A 199 -8.87 -4.15 -23.90
C ARG A 199 -9.31 -5.43 -24.64
N ASP A 200 -8.63 -6.53 -24.34
CA ASP A 200 -9.01 -7.82 -24.91
C ASP A 200 -10.23 -8.42 -24.19
N ASP A 201 -10.33 -8.25 -22.87
CA ASP A 201 -11.40 -8.86 -22.11
C ASP A 201 -12.72 -8.15 -22.35
N TRP A 202 -13.72 -8.89 -22.85
CA TRP A 202 -15.05 -8.34 -23.09
C TRP A 202 -16.10 -9.14 -22.36
N SER A 203 -15.67 -9.97 -21.41
CA SER A 203 -16.57 -10.46 -20.40
C SER A 203 -17.24 -9.29 -19.70
N GLU A 204 -18.24 -9.63 -18.89
CA GLU A 204 -18.98 -8.65 -18.11
C GLU A 204 -18.33 -8.46 -16.73
N TRP A 205 -17.07 -8.90 -16.56
CA TRP A 205 -16.30 -8.57 -15.36
C TRP A 205 -16.42 -7.09 -15.03
N TYR A 206 -16.01 -6.24 -15.97
CA TYR A 206 -16.39 -4.84 -15.97
C TYR A 206 -17.72 -4.66 -16.71
N ALA A 207 -18.49 -3.68 -16.27
CA ALA A 207 -19.83 -3.48 -16.79
C ALA A 207 -19.92 -2.54 -17.99
N ARG A 208 -18.86 -1.79 -18.28
CA ARG A 208 -18.88 -0.93 -19.46
C ARG A 208 -17.55 -1.00 -20.20
N ARG A 209 -17.60 -0.69 -21.50
CA ARG A 209 -16.42 -0.54 -22.32
C ARG A 209 -15.47 0.51 -21.73
N ILE A 210 -15.89 1.79 -21.68
CA ILE A 210 -15.15 2.81 -20.95
C ILE A 210 -15.66 2.75 -19.51
N GLN A 211 -14.79 2.39 -18.60
CA GLN A 211 -15.25 2.27 -17.23
C GLN A 211 -14.29 3.02 -16.33
N PHE A 212 -14.87 3.75 -15.38
CA PHE A 212 -14.13 4.51 -14.39
C PHE A 212 -14.25 3.83 -13.03
N CYS A 213 -13.18 3.94 -12.23
CA CYS A 213 -13.24 3.38 -10.88
C CYS A 213 -14.29 4.08 -10.06
N GLN A 214 -15.18 3.30 -9.44
CA GLN A 214 -16.13 3.92 -8.53
C GLN A 214 -15.56 4.04 -7.11
N TRP A 215 -14.46 3.35 -6.81
CA TRP A 215 -13.99 3.31 -5.43
C TRP A 215 -13.31 4.57 -4.97
N THR A 216 -12.88 5.46 -5.89
CA THR A 216 -12.24 6.72 -5.51
C THR A 216 -12.70 7.79 -6.49
N ILE A 217 -13.31 8.87 -5.98
CA ILE A 217 -13.80 9.97 -6.80
C ILE A 217 -13.54 11.28 -6.05
N GLN A 218 -13.17 12.33 -6.78
CA GLN A 218 -12.92 13.65 -6.23
C GLN A 218 -13.75 14.65 -7.01
N ALA A 219 -14.30 15.65 -6.31
CA ALA A 219 -15.21 16.55 -7.00
C ALA A 219 -15.46 17.81 -6.20
N LYS A 220 -15.85 18.88 -6.92
CA LYS A 220 -16.42 20.09 -6.37
C LYS A 220 -17.92 19.89 -6.10
N PRO A 221 -18.44 20.46 -5.02
CA PRO A 221 -19.88 20.35 -4.78
C PRO A 221 -20.66 20.90 -5.96
N GLY A 222 -21.84 20.31 -6.18
CA GLY A 222 -22.75 20.76 -7.21
C GLY A 222 -22.40 20.34 -8.62
N HIS A 223 -21.40 19.48 -8.84
CA HIS A 223 -21.03 19.18 -10.21
C HIS A 223 -22.21 18.54 -10.97
N PRO A 224 -22.52 19.03 -12.16
CA PRO A 224 -23.69 18.54 -12.90
C PRO A 224 -23.71 17.05 -13.20
N ILE A 225 -22.56 16.39 -13.37
CA ILE A 225 -22.57 14.94 -13.57
C ILE A 225 -23.07 14.25 -12.30
N LEU A 226 -22.64 14.73 -11.13
CA LEU A 226 -23.16 14.16 -9.89
C LEU A 226 -24.64 14.45 -9.74
N ARG A 227 -25.07 15.64 -10.16
CA ARG A 227 -26.49 15.95 -10.19
C ARG A 227 -27.27 14.94 -11.02
N GLU A 228 -26.81 14.68 -12.25
CA GLU A 228 -27.49 13.77 -13.17
C GLU A 228 -27.48 12.33 -12.66
N LEU A 229 -26.38 11.90 -12.03
CA LEU A 229 -26.39 10.58 -11.38
C LEU A 229 -27.44 10.50 -10.27
N ILE A 230 -27.54 11.54 -9.44
CA ILE A 230 -28.50 11.52 -8.33
C ILE A 230 -29.93 11.53 -8.85
N LEU A 231 -30.18 12.30 -9.92
CA LEU A 231 -31.50 12.33 -10.56
C LEU A 231 -31.90 10.95 -11.05
N ASN A 232 -30.98 10.31 -11.76
CA ASN A 232 -31.28 9.04 -12.39
C ASN A 232 -31.52 7.95 -11.34
N ILE A 233 -30.67 7.93 -10.31
CA ILE A 233 -30.77 6.91 -9.28
C ILE A 233 -32.00 7.16 -8.41
N THR A 234 -32.28 8.43 -8.10
CA THR A 234 -33.47 8.77 -7.33
C THR A 234 -34.73 8.28 -8.04
N ALA A 235 -34.86 8.60 -9.33
CA ALA A 235 -36.08 8.28 -10.08
C ALA A 235 -36.21 6.79 -10.32
N THR A 236 -35.08 6.09 -10.51
CA THR A 236 -35.09 4.64 -10.69
C THR A 236 -35.52 3.93 -9.41
N THR A 237 -34.98 4.35 -8.28
CA THR A 237 -35.35 3.74 -7.00
C THR A 237 -36.84 3.82 -6.76
N LEU A 238 -37.42 5.02 -6.91
CA LEU A 238 -38.83 5.19 -6.58
C LEU A 238 -39.72 4.37 -7.50
N ALA A 239 -39.33 4.22 -8.75
CA ALA A 239 -40.11 3.44 -9.70
C ALA A 239 -39.80 1.96 -9.67
N SER A 240 -38.90 1.51 -8.79
CA SER A 240 -38.49 0.12 -8.75
C SER A 240 -38.76 -0.54 -7.40
N VAL A 241 -39.24 0.19 -6.39
CA VAL A 241 -39.51 -0.40 -5.09
C VAL A 241 -41.01 -0.51 -4.86
N GLN A 242 -41.38 -1.30 -3.84
CA GLN A 242 -42.77 -1.61 -3.55
C GLN A 242 -43.47 -0.53 -2.74
N ASN A 243 -42.72 0.37 -2.12
CA ASN A 243 -43.29 1.39 -1.24
C ASN A 243 -42.67 2.74 -1.55
N PRO A 244 -42.89 3.27 -2.76
CA PRO A 244 -42.27 4.55 -3.13
C PRO A 244 -42.72 5.73 -2.28
N GLY A 245 -43.87 5.64 -1.62
CA GLY A 245 -44.37 6.75 -0.82
C GLY A 245 -44.89 7.91 -1.62
N VAL A 246 -44.76 7.86 -2.94
CA VAL A 246 -45.23 8.91 -3.84
C VAL A 246 -45.84 8.25 -5.05
N PRO A 247 -46.80 8.92 -5.69
CA PRO A 247 -47.44 8.27 -6.86
C PRO A 247 -46.55 8.31 -8.10
N VAL A 248 -45.58 7.38 -8.16
CA VAL A 248 -44.41 7.60 -9.02
C VAL A 248 -44.82 7.70 -10.48
N SER A 249 -45.84 6.95 -10.91
CA SER A 249 -46.22 6.96 -12.32
C SER A 249 -46.67 8.34 -12.80
N GLU A 250 -47.20 9.18 -11.92
CA GLU A 250 -47.63 10.54 -12.27
C GLU A 250 -46.48 11.56 -12.27
N MET A 251 -45.26 11.17 -11.88
CA MET A 251 -44.16 12.12 -11.68
C MET A 251 -43.01 11.92 -12.66
N ILE A 252 -43.11 10.97 -13.58
CA ILE A 252 -42.02 10.62 -14.46
C ILE A 252 -42.35 11.11 -15.87
N ASP A 253 -41.37 11.03 -16.75
CA ASP A 253 -41.56 11.47 -18.14
C ASP A 253 -42.51 10.51 -18.85
N PRO A 254 -43.65 10.98 -19.37
CA PRO A 254 -44.59 10.04 -20.02
C PRO A 254 -44.07 9.48 -21.32
N ARG A 255 -43.09 10.11 -21.96
CA ARG A 255 -42.55 9.56 -23.20
C ARG A 255 -41.64 8.36 -22.98
N PHE A 256 -41.09 8.17 -21.77
CA PHE A 256 -39.95 7.26 -21.56
C PHE A 256 -40.13 6.43 -20.29
N GLU A 257 -41.27 5.73 -20.19
CA GLU A 257 -41.59 5.01 -18.96
C GLU A 257 -40.61 3.88 -18.70
N GLU A 258 -40.11 3.24 -19.75
CA GLU A 258 -39.23 2.07 -19.62
C GLU A 258 -37.86 2.44 -19.10
N ASP A 259 -37.54 3.74 -19.02
CA ASP A 259 -36.24 4.17 -18.55
C ASP A 259 -36.19 4.32 -17.04
N TYR A 260 -37.31 4.12 -16.34
CA TYR A 260 -37.32 4.29 -14.89
C TYR A 260 -37.20 2.97 -14.14
N ASN A 261 -38.03 1.98 -14.45
CA ASN A 261 -37.98 0.76 -13.66
C ASN A 261 -36.74 -0.07 -14.00
N VAL A 262 -35.99 -0.44 -12.96
CA VAL A 262 -34.67 -1.03 -13.18
C VAL A 262 -34.75 -2.40 -13.88
N ASN A 263 -35.89 -3.09 -13.83
CA ASN A 263 -35.95 -4.41 -14.45
C ASN A 263 -35.90 -4.36 -15.97
N TYR A 264 -36.27 -3.23 -16.60
CA TYR A 264 -36.13 -3.10 -18.04
C TYR A 264 -34.68 -3.05 -18.51
N ARG A 265 -33.71 -2.97 -17.60
CA ARG A 265 -32.30 -2.82 -18.00
C ARG A 265 -31.52 -4.13 -18.05
N LEU A 279 -41.35 -5.37 -9.13
CA LEU A 279 -40.76 -4.38 -8.24
C LEU A 279 -39.73 -5.03 -7.36
N LYS A 280 -38.72 -4.27 -6.96
CA LYS A 280 -37.58 -4.83 -6.27
C LYS A 280 -37.77 -4.77 -4.76
N ASN A 281 -37.29 -5.81 -4.10
CA ASN A 281 -37.24 -5.87 -2.64
C ASN A 281 -35.90 -6.46 -2.25
N ASN A 282 -35.71 -6.60 -0.94
CA ASN A 282 -34.48 -7.10 -0.34
C ASN A 282 -34.12 -8.52 -0.80
N LYS A 283 -35.09 -9.30 -1.29
CA LYS A 283 -34.82 -10.68 -1.70
C LYS A 283 -34.54 -10.85 -3.19
N ASN A 284 -35.12 -10.01 -4.05
CA ASN A 284 -35.07 -10.26 -5.49
C ASN A 284 -34.00 -9.44 -6.24
N VAL A 285 -33.21 -8.63 -5.55
CA VAL A 285 -32.24 -7.78 -6.23
C VAL A 285 -30.93 -8.54 -6.39
N ASP A 286 -30.51 -8.71 -7.64
CA ASP A 286 -29.33 -9.48 -7.99
C ASP A 286 -28.15 -8.54 -8.28
N GLY A 287 -27.03 -9.13 -8.70
CA GLY A 287 -25.84 -8.34 -8.96
C GLY A 287 -25.92 -7.52 -10.23
N SER A 288 -26.65 -8.01 -11.22
CA SER A 288 -26.82 -7.24 -12.45
C SER A 288 -27.89 -6.17 -12.32
N ASP A 289 -28.78 -6.30 -11.32
CA ASP A 289 -29.64 -5.19 -10.92
C ASP A 289 -28.81 -4.06 -10.31
N ILE A 290 -27.97 -4.40 -9.32
CA ILE A 290 -27.06 -3.42 -8.73
C ILE A 290 -26.23 -2.77 -9.82
N MET A 291 -25.79 -3.56 -10.79
CA MET A 291 -24.98 -3.04 -11.88
C MET A 291 -25.72 -1.97 -12.65
N ASN A 292 -27.00 -2.20 -12.94
CA ASN A 292 -27.83 -1.30 -13.73
C ASN A 292 -28.52 -0.23 -12.88
N TRP A 293 -28.15 -0.07 -11.61
CA TRP A 293 -28.90 0.76 -10.68
C TRP A 293 -28.00 1.82 -10.05
N THR A 294 -26.92 1.39 -9.41
CA THR A 294 -26.01 2.30 -8.74
C THR A 294 -24.55 2.08 -9.11
N GLY A 295 -24.25 1.09 -9.94
CA GLY A 295 -22.89 0.64 -10.13
C GLY A 295 -22.15 1.32 -11.26
N PRO A 296 -20.91 0.90 -11.49
CA PRO A 296 -20.02 1.65 -12.38
C PRO A 296 -20.52 1.80 -13.81
N GLY A 297 -21.50 1.00 -14.23
CA GLY A 297 -22.05 1.17 -15.56
C GLY A 297 -22.92 2.41 -15.69
N ILE A 298 -23.75 2.69 -14.68
CA ILE A 298 -24.59 3.88 -14.77
C ILE A 298 -23.72 5.14 -14.62
N PHE A 299 -22.66 5.06 -13.80
CA PHE A 299 -21.69 6.16 -13.68
C PHE A 299 -21.13 6.53 -15.03
N SER A 300 -20.64 5.54 -15.79
CA SER A 300 -19.98 5.81 -17.06
C SER A 300 -20.94 6.31 -18.12
N ASP A 301 -22.12 5.68 -18.22
CA ASP A 301 -23.18 6.21 -19.08
C ASP A 301 -23.43 7.69 -18.82
N ILE A 302 -23.67 8.07 -17.56
CA ILE A 302 -24.00 9.47 -17.26
C ILE A 302 -22.86 10.38 -17.67
N ILE A 303 -21.62 9.97 -17.38
CA ILE A 303 -20.43 10.78 -17.69
C ILE A 303 -20.35 11.05 -19.19
N PHE A 304 -20.49 10.00 -20.01
CA PHE A 304 -20.39 10.19 -21.46
C PHE A 304 -21.57 10.97 -22.03
N GLU A 305 -22.78 10.70 -21.54
CA GLU A 305 -23.92 11.53 -21.93
C GLU A 305 -23.63 13.01 -21.69
N TYR A 306 -23.10 13.32 -20.52
CA TYR A 306 -22.80 14.71 -20.19
C TYR A 306 -21.77 15.31 -21.14
N MET A 307 -20.67 14.58 -21.38
CA MET A 307 -19.62 15.09 -22.25
C MET A 307 -20.18 15.46 -23.62
N ASN A 308 -20.98 14.56 -24.19
CA ASN A 308 -21.55 14.82 -25.51
C ASN A 308 -22.59 15.92 -25.46
N ASN A 309 -23.32 16.04 -24.36
CA ASN A 309 -24.32 17.10 -24.27
C ASN A 309 -23.68 18.49 -24.27
N VAL A 310 -22.60 18.68 -23.51
CA VAL A 310 -22.04 20.03 -23.37
C VAL A 310 -21.41 20.50 -24.68
N LEU A 311 -20.82 19.57 -25.46
CA LEU A 311 -20.29 19.92 -26.78
C LEU A 311 -21.40 20.39 -27.71
N ARG A 312 -22.62 19.83 -27.56
CA ARG A 312 -23.74 20.22 -28.40
C ARG A 312 -24.17 21.66 -28.10
N TYR A 313 -24.13 22.08 -26.85
CA TYR A 313 -24.75 23.34 -26.49
C TYR A 313 -23.78 24.46 -26.14
N ASN A 314 -22.47 24.21 -26.08
CA ASN A 314 -21.51 25.23 -25.65
C ASN A 314 -20.34 25.33 -26.62
N SER A 315 -19.85 26.56 -26.81
CA SER A 315 -18.75 26.84 -27.70
C SER A 315 -17.41 27.00 -26.98
N ASP A 316 -17.38 26.80 -25.66
CA ASP A 316 -16.20 27.05 -24.84
C ASP A 316 -15.72 25.81 -24.08
N ILE A 317 -16.06 24.61 -24.54
CA ILE A 317 -15.70 23.41 -23.81
C ILE A 317 -14.20 23.11 -24.01
N LEU A 318 -13.45 23.09 -22.90
CA LEU A 318 -12.00 22.83 -22.94
C LEU A 318 -11.71 21.35 -23.09
N LEU A 319 -10.99 20.99 -24.15
CA LEU A 319 -10.56 19.62 -24.40
C LEU A 319 -9.03 19.60 -24.45
N ILE A 320 -8.41 18.93 -23.49
CA ILE A 320 -6.97 18.78 -23.44
C ILE A 320 -6.63 17.30 -23.38
N ASN A 321 -5.78 16.86 -24.30
CA ASN A 321 -5.31 15.48 -24.32
C ASN A 321 -3.81 15.49 -24.61
N PRO A 322 -2.97 15.42 -23.57
CA PRO A 322 -1.51 15.37 -23.79
C PRO A 322 -1.04 14.12 -24.48
N ASN A 323 -1.85 13.06 -24.47
CA ASN A 323 -1.49 11.81 -25.10
C ASN A 323 -1.59 11.85 -26.62
N LEU A 324 -1.94 12.99 -27.20
CA LEU A 324 -2.03 13.17 -28.65
C LEU A 324 -0.88 14.02 -29.15
N ARG A 352 -1.04 10.16 -31.01
CA ARG A 352 -1.50 8.83 -30.67
C ARG A 352 -2.18 8.16 -31.88
N LYS A 353 -2.32 6.84 -31.79
CA LYS A 353 -2.82 6.04 -32.91
C LYS A 353 -4.23 6.44 -33.33
N PHE A 354 -5.06 6.90 -32.39
CA PHE A 354 -6.44 7.23 -32.67
C PHE A 354 -6.65 8.71 -33.01
N TYR A 355 -5.56 9.44 -33.27
CA TYR A 355 -5.64 10.90 -33.41
C TYR A 355 -6.64 11.32 -34.48
N LYS A 356 -6.58 10.70 -35.67
CA LYS A 356 -7.41 11.15 -36.77
C LYS A 356 -8.89 10.93 -36.46
N LYS A 357 -9.22 9.73 -35.96
CA LYS A 357 -10.60 9.44 -35.56
C LYS A 357 -11.07 10.40 -34.47
N ILE A 358 -10.22 10.66 -33.48
CA ILE A 358 -10.56 11.62 -32.43
C ILE A 358 -10.86 12.97 -33.04
N SER A 359 -9.93 13.49 -33.83
CA SER A 359 -10.13 14.76 -34.50
C SER A 359 -11.45 14.79 -35.29
N GLU A 360 -11.72 13.70 -36.03
CA GLU A 360 -12.93 13.65 -36.83
C GLU A 360 -14.19 13.60 -35.96
N SER A 361 -14.17 12.78 -34.91
CA SER A 361 -15.32 12.74 -34.02
C SER A 361 -15.63 14.13 -33.47
N LEU A 362 -14.59 14.85 -33.03
CA LEU A 362 -14.79 16.16 -32.43
C LEU A 362 -15.18 17.19 -33.46
N GLN A 363 -14.37 17.34 -34.50
CA GLN A 363 -14.47 18.47 -35.39
C GLN A 363 -15.54 18.28 -36.47
N SER A 364 -15.92 17.04 -36.80
CA SER A 364 -16.99 16.81 -37.75
C SER A 364 -18.29 16.37 -37.10
N SER A 365 -18.23 15.51 -36.09
CA SER A 365 -19.44 14.92 -35.51
C SER A 365 -19.87 15.57 -34.20
N ASN A 366 -19.05 16.46 -33.63
CA ASN A 366 -19.38 17.12 -32.37
C ASN A 366 -19.58 16.10 -31.25
N SER A 367 -18.92 14.96 -31.34
CA SER A 367 -19.12 13.89 -30.37
C SER A 367 -17.79 13.45 -29.77
N MET A 368 -17.82 13.10 -28.50
CA MET A 368 -16.66 12.66 -27.74
C MET A 368 -16.44 11.18 -28.02
N PRO A 369 -15.41 10.81 -28.78
CA PRO A 369 -15.16 9.39 -29.07
C PRO A 369 -14.54 8.65 -27.90
N TRP A 370 -14.85 7.35 -27.82
CA TRP A 370 -14.24 6.51 -26.80
C TRP A 370 -12.71 6.46 -26.95
N GLU A 371 -12.19 6.69 -28.17
CA GLU A 371 -10.76 6.61 -28.41
C GLU A 371 -9.98 7.73 -27.71
N PHE A 372 -10.67 8.79 -27.31
CA PHE A 372 -10.05 9.88 -26.57
C PHE A 372 -9.49 9.38 -25.24
N PHE A 373 -10.08 8.31 -24.69
CA PHE A 373 -9.70 7.76 -23.40
C PHE A 373 -8.90 6.47 -23.52
N SER A 374 -8.39 6.16 -24.70
CA SER A 374 -7.63 4.93 -24.90
C SER A 374 -6.13 5.21 -24.77
N PHE A 375 -5.44 4.30 -24.05
CA PHE A 375 -4.00 4.38 -23.85
C PHE A 375 -3.59 5.70 -23.21
N LEU A 376 -4.36 6.12 -22.20
CA LEU A 376 -4.06 7.34 -21.46
C LEU A 376 -2.91 7.06 -20.51
N LYS A 377 -1.84 7.85 -20.64
CA LYS A 377 -0.73 7.79 -19.71
C LYS A 377 -0.58 9.07 -18.92
N GLU A 378 -1.16 10.15 -19.39
CA GLU A 378 -1.23 11.41 -18.69
C GLU A 378 -2.68 11.83 -18.54
N PRO A 379 -2.98 12.66 -17.53
CA PRO A 379 -4.36 13.13 -17.35
C PRO A 379 -4.89 13.89 -18.55
N VAL A 380 -6.20 13.78 -18.78
CA VAL A 380 -6.87 14.54 -19.84
C VAL A 380 -7.97 15.37 -19.21
N ILE A 381 -8.38 16.41 -19.94
CA ILE A 381 -9.43 17.35 -19.55
C ILE A 381 -10.55 17.29 -20.57
N VAL A 382 -11.78 17.08 -20.09
CA VAL A 382 -13.00 17.24 -20.88
C VAL A 382 -13.87 18.22 -20.10
N ASP A 383 -13.96 19.48 -20.58
CA ASP A 383 -14.68 20.55 -19.90
C ASP A 383 -14.00 20.83 -18.58
N ASP A 384 -14.60 20.41 -17.46
CA ASP A 384 -14.00 20.50 -16.14
C ASP A 384 -13.83 19.12 -15.49
N VAL A 385 -13.90 18.05 -16.27
CA VAL A 385 -13.65 16.69 -15.79
C VAL A 385 -12.20 16.34 -16.09
N MET A 386 -11.43 15.98 -15.06
CA MET A 386 -10.10 15.43 -15.27
C MET A 386 -10.21 13.91 -15.19
N VAL A 387 -9.75 13.22 -16.23
CA VAL A 387 -9.82 11.78 -16.31
C VAL A 387 -8.40 11.27 -16.12
N LEU A 388 -8.23 10.36 -15.13
CA LEU A 388 -6.86 9.92 -14.87
C LEU A 388 -6.58 8.58 -15.51
N PRO A 389 -5.30 8.33 -15.81
CA PRO A 389 -4.87 7.02 -16.32
C PRO A 389 -5.29 5.88 -15.40
N ILE A 390 -5.30 4.66 -15.95
CA ILE A 390 -5.62 3.47 -15.16
C ILE A 390 -4.69 3.33 -13.97
N THR A 391 -3.43 3.73 -14.12
CA THR A 391 -2.46 3.63 -13.04
C THR A 391 -2.83 4.46 -11.82
N SER A 392 -3.68 5.47 -11.97
CA SER A 392 -3.85 6.48 -10.92
C SER A 392 -4.67 5.94 -9.75
N PHE A 393 -5.81 5.32 -10.04
CA PHE A 393 -6.64 4.71 -9.00
C PHE A 393 -6.68 3.19 -9.13
N SER A 394 -6.00 2.62 -10.12
CA SER A 394 -5.96 1.18 -10.27
C SER A 394 -4.55 0.67 -10.58
N PRO A 395 -3.54 1.06 -9.82
CA PRO A 395 -2.19 0.58 -10.13
C PRO A 395 -2.07 -0.89 -9.74
N ASP A 396 -0.98 -1.50 -10.21
CA ASP A 396 -0.59 -2.87 -9.84
C ASP A 396 -1.55 -3.93 -10.35
N VAL A 397 -2.46 -3.61 -11.27
CA VAL A 397 -3.29 -4.67 -11.83
C VAL A 397 -2.62 -5.34 -13.02
N GLY A 398 -1.37 -4.99 -13.32
CA GLY A 398 -0.56 -5.68 -14.30
C GLY A 398 -1.23 -5.94 -15.62
N GLN A 399 -2.07 -5.00 -16.05
CA GLN A 399 -2.91 -5.19 -17.23
C GLN A 399 -3.40 -3.82 -17.69
N MET A 400 -3.77 -3.76 -18.97
CA MET A 400 -4.15 -2.52 -19.66
C MET A 400 -3.20 -1.37 -19.34
N GLY A 401 -1.90 -1.68 -19.34
CA GLY A 401 -0.88 -0.67 -19.14
C GLY A 401 -0.82 -0.09 -17.75
N ALA A 402 -1.47 -0.72 -16.77
CA ALA A 402 -1.35 -0.24 -15.41
C ALA A 402 0.08 -0.45 -14.92
N GLN A 403 0.69 0.64 -14.45
CA GLN A 403 2.01 0.61 -13.84
C GLN A 403 1.85 0.30 -12.36
N SER A 404 2.98 0.23 -11.66
CA SER A 404 2.98 -0.11 -10.24
C SER A 404 2.65 1.13 -9.40
N SER A 405 2.24 0.88 -8.14
CA SER A 405 1.96 1.96 -7.20
C SER A 405 3.20 2.78 -6.87
N ASP A 406 4.34 2.48 -7.51
CA ASP A 406 5.54 3.32 -7.46
C ASP A 406 5.58 4.37 -8.56
N ASP A 407 4.80 4.19 -9.64
CA ASP A 407 4.76 5.17 -10.72
C ASP A 407 4.39 6.56 -10.18
N LYS A 408 4.88 7.60 -10.85
CA LYS A 408 4.49 8.96 -10.46
C LYS A 408 3.00 9.21 -10.68
N MET A 409 2.33 8.40 -11.51
CA MET A 409 0.90 8.51 -11.79
C MET A 409 0.03 7.73 -10.83
N ALA A 410 0.61 6.93 -9.92
CA ALA A 410 -0.17 6.09 -9.01
C ALA A 410 -0.55 6.90 -7.76
N PHE A 411 -1.85 7.07 -7.53
CA PHE A 411 -2.24 7.88 -6.39
C PHE A 411 -3.02 7.11 -5.33
N VAL A 412 -3.76 6.07 -5.71
CA VAL A 412 -4.58 5.28 -4.77
C VAL A 412 -4.49 3.83 -5.21
N LYS A 413 -4.22 2.94 -4.26
CA LYS A 413 -4.23 1.52 -4.54
C LYS A 413 -5.53 0.93 -4.04
N HIS A 414 -6.19 0.17 -4.90
CA HIS A 414 -7.44 -0.51 -4.57
C HIS A 414 -7.12 -1.90 -4.05
N MET A 415 -7.46 -2.16 -2.78
CA MET A 415 -7.13 -3.42 -2.11
C MET A 415 -8.27 -4.44 -2.23
N GLN B 1 41.31 -7.13 28.26
CA GLN B 1 40.08 -7.28 29.03
C GLN B 1 38.92 -7.73 28.14
N THR B 2 38.97 -7.42 26.84
CA THR B 2 37.86 -7.70 25.94
C THR B 2 38.35 -8.36 24.66
N LEU B 3 37.68 -9.43 24.23
CA LEU B 3 38.09 -10.18 23.06
C LEU B 3 36.97 -10.29 22.04
N LEU B 4 37.34 -10.19 20.76
CA LEU B 4 36.40 -10.08 19.64
C LEU B 4 36.45 -11.34 18.77
N PRO B 5 35.52 -12.26 18.94
CA PRO B 5 35.51 -13.46 18.12
C PRO B 5 35.13 -13.16 16.67
N THR B 6 35.45 -14.12 15.79
CA THR B 6 34.91 -14.12 14.44
C THR B 6 33.61 -14.92 14.44
N THR B 7 32.85 -14.76 13.37
CA THR B 7 31.66 -15.57 13.17
C THR B 7 31.91 -16.71 12.20
N SER B 8 32.98 -16.64 11.41
CA SER B 8 33.31 -17.65 10.41
C SER B 8 34.17 -18.76 10.97
N HIS B 9 34.81 -18.53 12.11
CA HIS B 9 35.67 -19.56 12.68
C HIS B 9 35.12 -19.91 14.06
N SER B 10 33.84 -20.25 14.07
CA SER B 10 33.12 -20.62 15.28
C SER B 10 32.55 -22.03 15.17
N GLN B 11 33.16 -22.87 14.33
CA GLN B 11 32.69 -24.24 14.15
C GLN B 11 32.93 -25.10 15.38
N ASP B 12 33.70 -24.62 16.35
CA ASP B 12 33.85 -25.28 17.64
C ASP B 12 32.85 -24.78 18.69
N ILE B 13 31.95 -23.86 18.33
CA ILE B 13 31.01 -23.27 19.27
C ILE B 13 29.60 -23.64 18.85
N ASN B 14 28.79 -24.10 19.80
CA ASN B 14 27.36 -24.34 19.59
C ASN B 14 26.64 -23.00 19.71
N LEU B 15 26.32 -22.35 18.57
CA LEU B 15 25.86 -20.96 18.60
C LEU B 15 24.51 -20.82 19.29
N LYS B 16 23.69 -21.88 19.23
CA LYS B 16 22.36 -21.86 19.83
C LYS B 16 22.41 -22.07 21.34
N LYS B 17 23.47 -22.70 21.86
CA LYS B 17 23.51 -23.12 23.26
C LYS B 17 23.61 -21.93 24.19
N GLN B 18 22.82 -21.98 25.28
CA GLN B 18 22.84 -20.93 26.29
C GLN B 18 24.15 -20.92 27.04
N ILE B 19 24.76 -19.74 27.17
CA ILE B 19 25.98 -19.60 27.96
C ILE B 19 25.58 -19.22 29.38
N THR B 20 26.17 -19.89 30.36
CA THR B 20 25.88 -19.71 31.78
C THR B 20 27.16 -19.32 32.51
N VAL B 21 27.02 -18.83 33.75
CA VAL B 21 28.15 -18.27 34.49
C VAL B 21 28.26 -18.93 35.87
N ASN B 22 29.49 -19.01 36.39
CA ASN B 22 29.71 -19.43 37.78
C ASN B 22 29.14 -18.42 38.77
N LYS B 23 29.40 -17.14 38.53
CA LYS B 23 29.00 -16.07 39.44
C LYS B 23 28.39 -14.96 38.61
N LYS B 24 27.16 -14.58 38.92
CA LYS B 24 26.47 -13.56 38.13
C LYS B 24 27.21 -12.22 38.14
N LYS B 25 28.09 -11.99 39.12
CA LYS B 25 28.78 -10.71 39.21
C LYS B 25 30.08 -10.66 38.42
N ASN B 26 30.67 -11.80 38.07
CA ASN B 26 32.00 -11.78 37.49
C ASN B 26 31.97 -11.21 36.07
N GLN B 27 33.13 -10.66 35.66
CA GLN B 27 33.28 -9.97 34.39
C GLN B 27 33.42 -10.95 33.24
N LEU B 28 32.70 -10.67 32.16
CA LEU B 28 32.79 -11.47 30.95
C LEU B 28 33.71 -10.76 29.96
N HIS B 29 34.66 -11.50 29.38
CA HIS B 29 35.69 -10.93 28.53
C HIS B 29 35.47 -11.18 27.05
N ASN B 30 34.61 -12.13 26.72
CA ASN B 30 34.27 -12.48 25.35
C ASN B 30 33.04 -11.67 24.94
N LEU B 31 33.15 -10.89 23.84
CA LEU B 31 32.04 -10.04 23.43
C LEU B 31 30.77 -10.85 23.14
N ARG B 32 30.93 -12.05 22.58
CA ARG B 32 29.76 -12.90 22.35
C ARG B 32 29.01 -13.16 23.65
N ASP B 33 29.75 -13.50 24.72
CA ASP B 33 29.11 -13.74 25.99
C ASP B 33 28.53 -12.44 26.55
N GLN B 34 29.26 -11.34 26.41
CA GLN B 34 28.76 -10.05 26.88
C GLN B 34 27.44 -9.71 26.21
N LEU B 35 27.35 -9.86 24.89
CA LEU B 35 26.09 -9.53 24.21
C LEU B 35 24.97 -10.43 24.68
N SER B 36 25.24 -11.72 24.84
CA SER B 36 24.21 -12.68 25.23
C SER B 36 23.63 -12.33 26.59
N PHE B 37 24.47 -11.87 27.54
CA PHE B 37 23.95 -11.56 28.87
C PHE B 37 23.35 -10.16 28.94
N ALA B 38 23.86 -9.21 28.17
CA ALA B 38 23.25 -7.89 28.13
C ALA B 38 21.87 -7.93 27.48
N PHE B 39 21.68 -8.78 26.47
CA PHE B 39 20.43 -8.89 25.74
C PHE B 39 20.07 -10.36 25.61
N PRO B 40 19.46 -10.93 26.64
CA PRO B 40 19.14 -12.37 26.59
C PRO B 40 18.04 -12.68 25.58
N TYR B 41 18.10 -13.91 25.05
CA TYR B 41 17.11 -14.41 24.10
C TYR B 41 16.08 -15.23 24.86
N ASP B 42 14.85 -14.72 24.94
CA ASP B 42 13.76 -15.46 25.57
C ASP B 42 12.92 -16.08 24.46
N SER B 43 13.25 -17.32 24.10
CA SER B 43 12.61 -17.92 22.94
C SER B 43 11.15 -18.26 23.19
N GLN B 44 10.74 -18.34 24.45
CA GLN B 44 9.35 -18.64 24.78
C GLN B 44 8.49 -17.38 24.90
N ALA B 45 9.10 -16.19 24.93
CA ALA B 45 8.35 -14.96 24.90
C ALA B 45 7.95 -14.63 23.46
N PRO B 46 6.90 -13.84 23.27
CA PRO B 46 6.48 -13.49 21.90
C PRO B 46 7.30 -12.32 21.35
N ILE B 47 7.19 -12.14 20.04
CA ILE B 47 7.79 -10.99 19.37
C ILE B 47 7.19 -9.70 19.94
N PRO B 48 8.00 -8.76 20.44
CA PRO B 48 7.46 -7.51 20.98
C PRO B 48 6.71 -6.70 19.92
N GLN B 49 5.64 -6.02 20.35
CA GLN B 49 4.83 -5.16 19.48
C GLN B 49 5.44 -3.77 19.43
N ARG B 50 6.57 -3.67 18.76
CA ARG B 50 7.25 -2.40 18.54
C ARG B 50 7.59 -2.27 17.08
N VAL B 51 7.52 -1.03 16.59
CA VAL B 51 7.93 -0.69 15.23
C VAL B 51 9.01 0.38 15.34
N TRP B 52 10.09 0.19 14.57
CA TRP B 52 11.19 1.14 14.51
C TRP B 52 11.32 1.68 13.10
N GLN B 53 11.42 3.00 12.98
CA GLN B 53 11.89 3.69 11.80
C GLN B 53 12.80 4.81 12.22
N THR B 54 13.56 5.35 11.26
CA THR B 54 14.45 6.48 11.48
C THR B 54 14.45 7.35 10.24
N TRP B 55 14.82 8.62 10.43
CA TRP B 55 14.95 9.55 9.31
C TRP B 55 15.64 10.81 9.82
N LYS B 56 16.23 11.56 8.89
CA LYS B 56 16.98 12.77 9.26
C LYS B 56 16.14 13.70 10.13
N VAL B 57 14.88 13.93 9.73
CA VAL B 57 13.96 14.78 10.47
C VAL B 57 12.70 13.96 10.76
N GLY B 58 11.93 14.44 11.74
CA GLY B 58 10.75 13.73 12.20
C GLY B 58 9.54 13.94 11.32
N ALA B 59 8.48 13.16 11.60
CA ALA B 59 7.33 13.11 10.70
C ALA B 59 6.60 14.45 10.62
N ASP B 60 6.67 15.27 11.67
CA ASP B 60 6.03 16.58 11.67
C ASP B 60 6.96 17.70 11.25
N ASP B 61 8.24 17.41 11.08
CA ASP B 61 9.18 18.40 10.57
C ASP B 61 8.82 18.81 9.15
N LYS B 62 8.85 20.11 8.88
CA LYS B 62 8.47 20.62 7.57
C LYS B 62 9.36 20.09 6.45
N ASN B 63 10.54 19.56 6.79
CA ASN B 63 11.43 18.99 5.79
C ASN B 63 11.20 17.50 5.54
N PHE B 64 10.31 16.87 6.30
CA PHE B 64 10.02 15.45 6.10
C PHE B 64 9.48 15.23 4.68
N PRO B 65 10.02 14.27 3.93
CA PRO B 65 9.67 14.15 2.50
C PRO B 65 8.19 13.86 2.33
N SER B 66 7.52 14.71 1.55
CA SER B 66 6.08 14.59 1.39
C SER B 66 5.69 13.26 0.78
N SER B 67 6.55 12.69 -0.07
CA SER B 67 6.30 11.40 -0.69
C SER B 67 6.30 10.24 0.31
N PHE B 68 6.78 10.45 1.54
CA PHE B 68 6.74 9.42 2.56
C PHE B 68 5.57 9.60 3.53
N ARG B 69 4.74 10.64 3.34
CA ARG B 69 3.81 11.01 4.39
C ARG B 69 2.78 9.91 4.63
N THR B 70 2.19 9.39 3.57
CA THR B 70 1.15 8.38 3.77
C THR B 70 1.73 7.01 4.10
N TYR B 71 2.93 6.68 3.59
CA TYR B 71 3.57 5.43 3.98
C TYR B 71 3.75 5.37 5.49
N GLN B 72 4.26 6.47 6.06
CA GLN B 72 4.62 6.50 7.47
C GLN B 72 3.40 6.34 8.37
N LYS B 73 2.22 6.78 7.89
CA LYS B 73 0.99 6.56 8.67
C LYS B 73 0.66 5.09 8.81
N THR B 74 0.98 4.26 7.81
CA THR B 74 0.61 2.85 7.94
C THR B 74 1.35 2.19 9.09
N TRP B 75 2.57 2.65 9.40
CA TRP B 75 3.37 2.11 10.49
C TRP B 75 3.07 2.79 11.82
N SER B 76 2.79 4.09 11.81
CA SER B 76 2.54 4.82 13.04
C SER B 76 1.05 4.76 13.36
N GLY B 77 0.63 3.59 13.81
CA GLY B 77 -0.74 3.39 14.26
C GLY B 77 -0.95 3.66 15.74
N TYR B 83 1.07 -1.85 20.72
CA TYR B 83 1.71 -1.23 19.56
C TYR B 83 2.50 0.02 19.93
N GLN B 84 3.82 -0.09 19.93
CA GLN B 84 4.70 1.03 20.22
C GLN B 84 5.48 1.37 18.96
N TYR B 85 5.29 2.60 18.47
CA TYR B 85 5.97 3.09 17.29
C TYR B 85 6.97 4.16 17.70
N SER B 86 8.18 4.10 17.14
CA SER B 86 9.17 5.14 17.35
C SER B 86 9.89 5.45 16.05
N LEU B 87 9.89 6.73 15.68
CA LEU B 87 10.75 7.24 14.61
C LEU B 87 11.90 7.99 15.29
N ILE B 88 13.11 7.45 15.19
CA ILE B 88 14.28 8.08 15.79
C ILE B 88 14.88 9.06 14.80
N SER B 89 14.97 10.33 15.23
CA SER B 89 15.61 11.35 14.42
C SER B 89 17.13 11.19 14.45
N ASP B 90 17.77 11.52 13.32
CA ASP B 90 19.21 11.31 13.16
C ASP B 90 20.01 11.91 14.30
N ASP B 91 19.65 13.12 14.72
CA ASP B 91 20.34 13.77 15.84
C ASP B 91 20.08 13.08 17.17
N SER B 92 19.16 12.12 17.23
CA SER B 92 18.90 11.36 18.44
C SER B 92 19.44 9.93 18.38
N ILE B 93 20.03 9.53 17.25
CA ILE B 93 20.49 8.14 17.11
C ILE B 93 21.61 7.83 18.10
N ILE B 94 22.63 8.68 18.15
CA ILE B 94 23.80 8.37 18.97
C ILE B 94 23.42 8.43 20.45
N PRO B 95 22.73 9.48 20.93
CA PRO B 95 22.22 9.43 22.31
C PRO B 95 21.42 8.16 22.66
N PHE B 96 20.47 7.76 21.82
CA PHE B 96 19.67 6.58 22.11
C PHE B 96 20.53 5.32 22.18
N LEU B 97 21.49 5.19 21.26
CA LEU B 97 22.29 3.97 21.18
C LEU B 97 23.26 3.87 22.37
N GLU B 98 23.80 5.00 22.81
CA GLU B 98 24.69 5.03 23.97
C GLU B 98 23.99 4.52 25.23
N ASN B 99 22.69 4.79 25.38
CA ASN B 99 21.99 4.27 26.54
C ASN B 99 21.56 2.82 26.34
N LEU B 100 21.07 2.52 25.13
CA LEU B 100 20.73 1.15 24.77
C LEU B 100 21.87 0.18 25.02
N TYR B 101 23.05 0.51 24.50
CA TYR B 101 24.20 -0.38 24.55
C TYR B 101 25.20 0.01 25.63
N ALA B 102 24.75 0.71 26.67
CA ALA B 102 25.58 0.99 27.85
C ALA B 102 26.28 -0.25 28.40
N PRO B 103 25.64 -1.41 28.57
CA PRO B 103 26.37 -2.56 29.10
C PRO B 103 27.48 -3.05 28.21
N VAL B 104 27.46 -2.72 26.92
CA VAL B 104 28.48 -3.18 25.97
C VAL B 104 28.95 -2.01 25.12
N PRO B 105 29.67 -1.04 25.70
CA PRO B 105 29.97 0.21 24.97
C PRO B 105 30.88 0.06 23.74
N ILE B 106 31.68 -1.00 23.63
CA ILE B 106 32.54 -1.16 22.46
C ILE B 106 31.71 -1.15 21.17
N VAL B 107 30.47 -1.64 21.23
CA VAL B 107 29.60 -1.70 20.06
C VAL B 107 29.26 -0.31 19.55
N ILE B 108 28.97 0.62 20.47
CA ILE B 108 28.66 1.98 20.04
C ILE B 108 29.92 2.71 19.59
N GLN B 109 31.08 2.38 20.17
CA GLN B 109 32.33 2.94 19.68
C GLN B 109 32.54 2.56 18.22
N ALA B 110 32.36 1.28 17.89
CA ALA B 110 32.46 0.84 16.50
C ALA B 110 31.46 1.57 15.61
N PHE B 111 30.24 1.78 16.11
CA PHE B 111 29.22 2.46 15.31
C PHE B 111 29.66 3.89 15.01
N LYS B 112 30.05 4.64 16.04
CA LYS B 112 30.52 6.01 15.84
C LYS B 112 31.68 6.06 14.86
N LEU B 113 32.49 5.00 14.81
CA LEU B 113 33.69 5.01 13.98
C LEU B 113 33.39 4.75 12.52
N MET B 114 32.17 4.35 12.18
CA MET B 114 31.86 3.92 10.81
C MET B 114 31.97 5.09 9.83
N PRO B 115 32.73 4.94 8.75
CA PRO B 115 32.93 6.04 7.79
C PRO B 115 31.78 6.13 6.81
N GLY B 116 31.05 7.25 6.88
CA GLY B 116 29.94 7.51 5.97
C GLY B 116 28.62 7.61 6.71
N ASN B 117 27.56 7.18 6.03
CA ASN B 117 26.21 7.19 6.58
C ASN B 117 25.41 5.95 6.23
N ILE B 118 25.82 5.19 5.23
CA ILE B 118 25.06 4.02 4.83
C ILE B 118 25.44 2.81 5.68
N LEU B 119 26.72 2.68 6.03
CA LEU B 119 27.13 1.69 7.02
C LEU B 119 26.35 1.87 8.32
N LYS B 120 26.32 3.11 8.82
CA LYS B 120 25.55 3.43 10.02
C LYS B 120 24.09 3.07 9.88
N ALA B 121 23.49 3.32 8.71
CA ALA B 121 22.06 3.09 8.59
C ALA B 121 21.74 1.60 8.59
N ASP B 122 22.56 0.80 7.88
CA ASP B 122 22.45 -0.65 7.92
C ASP B 122 22.61 -1.20 9.33
N PHE B 123 23.69 -0.81 10.00
CA PHE B 123 24.04 -1.39 11.30
C PHE B 123 22.94 -1.12 12.33
N LEU B 124 22.25 0.02 12.20
CA LEU B 124 21.29 0.45 13.22
C LEU B 124 20.07 -0.47 13.30
N ARG B 125 19.55 -0.91 12.17
CA ARG B 125 18.39 -1.79 12.24
C ARG B 125 18.72 -3.07 12.99
N TYR B 126 19.96 -3.57 12.90
CA TYR B 126 20.32 -4.76 13.67
C TYR B 126 20.46 -4.42 15.15
N LEU B 127 21.09 -3.29 15.46
CA LEU B 127 21.28 -2.88 16.86
C LEU B 127 19.94 -2.68 17.58
N LEU B 128 18.97 -2.02 16.92
CA LEU B 128 17.66 -1.82 17.53
C LEU B 128 16.90 -3.14 17.72
N LEU B 129 16.94 -4.02 16.71
CA LEU B 129 16.18 -5.27 16.81
C LEU B 129 16.79 -6.21 17.85
N PHE B 130 18.13 -6.27 17.95
CA PHE B 130 18.77 -7.16 18.92
C PHE B 130 18.47 -6.73 20.34
N ALA B 131 18.49 -5.41 20.59
CA ALA B 131 18.27 -4.89 21.93
C ALA B 131 16.79 -4.89 22.32
N ARG B 132 15.88 -4.59 21.37
CA ARG B 132 14.48 -4.44 21.73
C ARG B 132 13.51 -5.32 20.94
N GLY B 133 13.87 -5.80 19.77
CA GLY B 133 12.92 -6.61 19.02
C GLY B 133 11.88 -5.72 18.35
N GLY B 134 10.87 -6.40 17.80
CA GLY B 134 9.84 -5.73 17.03
C GLY B 134 10.09 -5.81 15.54
N ILE B 135 9.62 -4.79 14.81
CA ILE B 135 9.84 -4.67 13.38
C ILE B 135 10.66 -3.40 13.12
N TYR B 136 11.68 -3.52 12.29
CA TYR B 136 12.31 -2.36 11.68
C TYR B 136 11.84 -2.30 10.24
N SER B 137 11.47 -1.11 9.77
CA SER B 137 11.11 -0.99 8.36
C SER B 137 11.56 0.37 7.83
N ASP B 138 12.12 0.36 6.63
CA ASP B 138 12.61 1.60 6.04
C ASP B 138 11.46 2.59 5.84
N MET B 139 11.83 3.85 5.63
CA MET B 139 10.80 4.86 5.49
C MET B 139 10.06 4.74 4.17
N ASP B 140 10.70 4.19 3.14
CA ASP B 140 9.99 4.02 1.87
C ASP B 140 9.30 2.67 1.80
N THR B 141 8.59 2.28 2.87
CA THR B 141 7.82 1.04 2.92
C THR B 141 6.42 1.32 3.39
N MET B 142 5.48 0.48 2.97
CA MET B 142 4.08 0.64 3.33
C MET B 142 3.58 -0.65 3.94
N LEU B 143 3.02 -0.57 5.15
CA LEU B 143 2.44 -1.73 5.78
C LEU B 143 1.10 -2.05 5.12
N LEU B 144 0.94 -3.26 4.59
CA LEU B 144 -0.23 -3.67 3.81
C LEU B 144 -1.28 -4.45 4.61
N LYS B 145 -0.84 -5.30 5.54
CA LYS B 145 -1.71 -6.04 6.44
C LYS B 145 -1.25 -5.80 7.87
N PRO B 146 -2.18 -5.60 8.81
CA PRO B 146 -1.76 -5.34 10.19
C PRO B 146 -0.92 -6.49 10.73
N ILE B 147 0.04 -6.14 11.59
CA ILE B 147 1.10 -7.08 11.95
C ILE B 147 0.53 -8.29 12.71
N ASP B 148 -0.53 -8.09 13.48
CA ASP B 148 -1.11 -9.18 14.25
C ASP B 148 -1.67 -10.28 13.35
N SER B 149 -1.87 -10.00 12.08
CA SER B 149 -2.31 -10.97 11.10
C SER B 149 -1.16 -11.65 10.36
N TRP B 150 0.09 -11.21 10.57
CA TRP B 150 1.24 -11.84 9.94
C TRP B 150 1.37 -13.27 10.43
N PRO B 151 1.91 -14.17 9.60
CA PRO B 151 2.11 -15.56 10.05
C PRO B 151 3.06 -15.70 11.24
N SER B 152 3.95 -14.75 11.48
CA SER B 152 4.78 -14.80 12.69
C SER B 152 3.97 -14.53 13.96
N GLN B 153 2.80 -13.92 13.82
CA GLN B 153 1.99 -13.37 14.90
C GLN B 153 0.66 -14.07 15.06
N ASN B 154 0.10 -14.55 13.95
CA ASN B 154 -1.25 -15.09 13.90
C ASN B 154 -1.23 -16.54 14.36
N LYS B 155 -1.80 -16.80 15.54
CA LYS B 155 -1.72 -18.13 16.13
C LYS B 155 -2.42 -19.17 15.29
N SER B 156 -3.49 -18.80 14.59
CA SER B 156 -4.17 -19.74 13.70
C SER B 156 -3.29 -20.11 12.51
N TRP B 157 -2.62 -19.11 11.93
CA TRP B 157 -1.71 -19.36 10.82
C TRP B 157 -0.54 -20.26 11.25
N LEU B 158 0.12 -19.89 12.36
CA LEU B 158 1.19 -20.72 12.91
C LEU B 158 0.73 -22.16 13.12
N ASN B 159 -0.44 -22.34 13.74
CA ASN B 159 -0.92 -23.69 14.02
C ASN B 159 -1.25 -24.44 12.76
N ASN B 160 -1.70 -23.73 11.73
CA ASN B 160 -1.93 -24.36 10.44
C ASN B 160 -0.62 -24.86 9.84
N ILE B 161 0.47 -24.09 9.99
CA ILE B 161 1.76 -24.59 9.55
C ILE B 161 2.20 -25.82 10.36
N ILE B 162 1.86 -25.84 11.65
CA ILE B 162 2.18 -27.01 12.48
C ILE B 162 1.41 -28.23 11.98
N ASP B 163 0.10 -28.08 11.78
CA ASP B 163 -0.73 -29.26 11.54
C ASP B 163 -0.44 -29.90 10.18
N LEU B 164 -0.26 -29.10 9.14
CA LEU B 164 -0.18 -29.69 7.81
C LEU B 164 1.23 -30.08 7.39
N ASN B 165 2.21 -29.94 8.27
CA ASN B 165 3.59 -30.08 7.85
C ASN B 165 4.36 -30.88 8.88
N LYS B 166 5.11 -31.85 8.42
CA LYS B 166 5.96 -32.62 9.29
C LYS B 166 7.39 -32.10 9.23
N PRO B 167 8.12 -32.25 10.35
CA PRO B 167 9.52 -31.81 10.37
C PRO B 167 10.32 -32.55 9.32
N ILE B 168 11.26 -31.85 8.70
CA ILE B 168 12.15 -32.44 7.71
C ILE B 168 13.43 -32.88 8.43
N PRO B 169 13.80 -34.15 8.34
CA PRO B 169 14.98 -34.63 9.06
C PRO B 169 16.25 -34.18 8.36
N TYR B 170 17.34 -34.20 9.13
CA TYR B 170 18.67 -33.91 8.60
C TYR B 170 19.61 -34.97 9.18
N LYS B 171 20.89 -34.91 8.79
CA LYS B 171 21.79 -36.00 9.12
C LYS B 171 22.01 -36.15 10.62
N ASN B 172 21.95 -35.07 11.37
CA ASN B 172 22.22 -35.12 12.80
C ASN B 172 20.93 -35.17 13.63
N SER B 173 19.78 -35.36 13.00
CA SER B 173 18.50 -35.21 13.69
C SER B 173 18.08 -36.52 14.36
N LYS B 174 17.26 -36.38 15.40
CA LYS B 174 16.60 -37.50 16.07
C LYS B 174 15.09 -37.29 16.03
N PRO B 175 14.33 -38.15 15.34
CA PRO B 175 12.87 -37.94 15.28
C PRO B 175 12.22 -37.92 16.64
N SER B 176 12.80 -38.62 17.63
CA SER B 176 12.32 -38.52 19.01
C SER B 176 12.34 -37.10 19.55
N LEU B 177 13.16 -36.21 18.97
CA LEU B 177 13.28 -34.86 19.47
C LEU B 177 12.64 -33.81 18.56
N LEU B 178 12.26 -34.18 17.34
CA LEU B 178 11.69 -33.24 16.39
C LEU B 178 10.17 -33.21 16.51
N SER B 179 9.61 -32.01 16.50
CA SER B 179 8.17 -31.81 16.44
C SER B 179 7.94 -30.41 15.91
N SER B 180 6.78 -30.22 15.27
CA SER B 180 6.48 -28.93 14.65
C SER B 180 6.01 -27.88 15.67
N ASP B 181 5.91 -28.24 16.96
CA ASP B 181 5.10 -27.48 17.90
C ASP B 181 5.80 -26.27 18.51
N GLU B 182 7.15 -26.23 18.55
CA GLU B 182 7.80 -25.12 19.24
C GLU B 182 7.67 -23.80 18.47
N ILE B 183 7.47 -23.85 17.16
CA ILE B 183 7.19 -22.64 16.41
C ILE B 183 5.92 -21.95 16.90
N SER B 184 5.12 -22.63 17.73
CA SER B 184 3.96 -22.01 18.34
C SER B 184 4.33 -20.85 19.26
N HIS B 185 5.55 -20.82 19.79
CA HIS B 185 6.01 -19.68 20.58
C HIS B 185 6.42 -18.48 19.73
N GLN B 186 6.17 -18.52 18.42
CA GLN B 186 6.50 -17.48 17.44
C GLN B 186 7.99 -17.56 17.09
N PRO B 187 8.32 -17.28 15.83
CA PRO B 187 9.73 -17.24 15.42
C PRO B 187 10.49 -16.12 16.12
N GLY B 188 11.80 -16.32 16.29
CA GLY B 188 12.66 -15.29 16.82
C GLY B 188 13.21 -14.33 15.81
N LEU B 189 13.11 -14.67 14.52
CA LEU B 189 13.61 -13.83 13.44
C LEU B 189 12.76 -14.12 12.22
N VAL B 190 12.31 -13.08 11.55
CA VAL B 190 11.36 -13.15 10.43
C VAL B 190 11.97 -12.34 9.31
N ILE B 191 12.34 -13.01 8.21
CA ILE B 191 12.99 -12.34 7.08
C ILE B 191 12.30 -12.74 5.77
N GLY B 192 12.37 -11.85 4.79
CA GLY B 192 11.71 -12.06 3.50
C GLY B 192 12.74 -12.21 2.40
N ILE B 193 12.48 -13.15 1.47
CA ILE B 193 13.37 -13.33 0.33
C ILE B 193 13.28 -12.10 -0.57
N GLU B 194 14.44 -11.57 -0.98
CA GLU B 194 14.46 -10.42 -1.88
C GLU B 194 14.32 -10.83 -3.35
N ALA B 195 15.01 -11.89 -3.75
CA ALA B 195 14.98 -12.38 -5.13
C ALA B 195 15.05 -13.90 -5.12
N ASP B 196 14.58 -14.53 -6.20
CA ASP B 196 14.64 -15.98 -6.20
C ASP B 196 16.07 -16.45 -6.40
N PRO B 197 16.56 -17.34 -5.53
CA PRO B 197 17.95 -17.81 -5.66
C PRO B 197 18.20 -18.75 -6.84
N ASP B 198 17.15 -19.23 -7.50
CA ASP B 198 17.35 -20.12 -8.63
C ASP B 198 17.73 -19.35 -9.90
N ARG B 199 17.33 -18.09 -10.02
CA ARG B 199 17.83 -17.27 -11.12
C ARG B 199 19.35 -17.13 -11.03
N ASP B 200 20.02 -17.25 -12.17
CA ASP B 200 21.46 -17.01 -12.23
C ASP B 200 21.76 -15.52 -12.52
N TYR B 206 22.42 -8.26 -7.29
CA TYR B 206 22.35 -8.74 -5.91
C TYR B 206 23.70 -9.21 -5.37
N ALA B 207 23.85 -9.12 -4.04
CA ALA B 207 25.12 -9.46 -3.40
C ALA B 207 25.35 -10.97 -3.35
N ARG B 208 24.29 -11.75 -3.23
CA ARG B 208 24.41 -13.18 -3.06
C ARG B 208 23.32 -13.86 -3.87
N ARG B 209 23.50 -15.17 -4.10
CA ARG B 209 22.47 -15.94 -4.76
C ARG B 209 21.18 -15.95 -3.95
N ILE B 210 21.29 -16.03 -2.63
CA ILE B 210 20.13 -15.98 -1.76
C ILE B 210 20.28 -14.71 -0.92
N GLN B 211 19.37 -13.77 -1.12
CA GLN B 211 19.42 -12.47 -0.46
C GLN B 211 18.09 -12.20 0.23
N PHE B 212 18.15 -11.60 1.41
CA PHE B 212 16.94 -11.26 2.14
C PHE B 212 16.74 -9.76 2.17
N CYS B 213 15.47 -9.33 2.14
CA CYS B 213 15.17 -7.90 2.15
C CYS B 213 15.74 -7.23 3.39
N GLN B 214 16.55 -6.21 3.18
CA GLN B 214 17.12 -5.46 4.28
C GLN B 214 16.15 -4.44 4.86
N TRP B 215 15.13 -4.05 4.09
CA TRP B 215 14.28 -2.92 4.43
C TRP B 215 13.20 -3.24 5.45
N THR B 216 12.86 -4.51 5.65
CA THR B 216 11.87 -4.90 6.65
C THR B 216 12.35 -6.18 7.31
N ILE B 217 12.50 -6.14 8.62
CA ILE B 217 12.99 -7.28 9.40
C ILE B 217 12.23 -7.31 10.71
N GLN B 218 11.84 -8.50 11.15
CA GLN B 218 11.17 -8.66 12.43
C GLN B 218 11.96 -9.63 13.30
N ALA B 219 12.05 -9.34 14.60
CA ALA B 219 12.84 -10.22 15.45
C ALA B 219 12.39 -10.17 16.91
N LYS B 220 12.67 -11.26 17.62
CA LYS B 220 12.75 -11.21 19.08
C LYS B 220 14.09 -10.62 19.50
N PRO B 221 14.13 -9.86 20.59
CA PRO B 221 15.40 -9.28 21.01
C PRO B 221 16.36 -10.36 21.49
N GLY B 222 17.64 -10.13 21.28
CA GLY B 222 18.59 -11.14 21.69
C GLY B 222 18.73 -12.33 20.77
N HIS B 223 18.08 -12.33 19.60
CA HIS B 223 18.22 -13.50 18.71
C HIS B 223 19.68 -13.70 18.32
N PRO B 224 20.19 -14.94 18.34
CA PRO B 224 21.64 -15.14 18.13
C PRO B 224 22.14 -14.81 16.73
N ILE B 225 21.29 -14.83 15.70
CA ILE B 225 21.75 -14.34 14.40
C ILE B 225 22.06 -12.86 14.48
N LEU B 226 21.23 -12.10 15.19
CA LEU B 226 21.51 -10.68 15.35
C LEU B 226 22.75 -10.46 16.22
N ARG B 227 22.94 -11.30 17.24
CA ARG B 227 24.17 -11.25 18.03
C ARG B 227 25.40 -11.43 17.15
N GLU B 228 25.41 -12.49 16.33
CA GLU B 228 26.56 -12.80 15.49
C GLU B 228 26.83 -11.68 14.48
N LEU B 229 25.77 -11.11 13.91
CA LEU B 229 25.93 -9.99 12.98
C LEU B 229 26.56 -8.79 13.67
N ILE B 230 26.11 -8.49 14.88
CA ILE B 230 26.67 -7.38 15.65
C ILE B 230 28.11 -7.66 16.06
N LEU B 231 28.42 -8.91 16.43
CA LEU B 231 29.81 -9.30 16.72
C LEU B 231 30.71 -9.10 15.50
N ASN B 232 30.24 -9.58 14.34
CA ASN B 232 31.03 -9.53 13.12
C ASN B 232 31.27 -8.09 12.68
N ILE B 233 30.21 -7.29 12.65
CA ILE B 233 30.31 -5.89 12.23
C ILE B 233 31.16 -5.09 13.21
N THR B 234 30.93 -5.27 14.51
CA THR B 234 31.71 -4.57 15.52
C THR B 234 33.21 -4.82 15.31
N ALA B 235 33.61 -6.08 15.18
CA ALA B 235 35.04 -6.39 15.07
C ALA B 235 35.60 -5.93 13.72
N THR B 236 34.83 -6.10 12.65
CA THR B 236 35.24 -5.62 11.34
C THR B 236 35.47 -4.11 11.34
N THR B 237 34.57 -3.34 11.95
CA THR B 237 34.73 -1.88 11.97
C THR B 237 36.01 -1.47 12.70
N LEU B 238 36.24 -2.04 13.88
CA LEU B 238 37.42 -1.67 14.66
C LEU B 238 38.72 -2.03 13.94
N ALA B 239 38.72 -3.11 13.15
CA ALA B 239 39.94 -3.50 12.44
C ALA B 239 40.02 -2.94 11.03
N SER B 240 39.02 -2.18 10.57
CA SER B 240 39.02 -1.67 9.21
C SER B 240 39.04 -0.15 9.07
N VAL B 241 39.06 0.61 10.17
CA VAL B 241 39.02 2.07 10.09
C VAL B 241 40.30 2.65 10.71
N GLN B 242 40.46 3.96 10.54
CA GLN B 242 41.78 4.59 10.66
C GLN B 242 42.24 4.67 12.12
N ASN B 243 41.45 5.29 12.98
CA ASN B 243 41.82 5.52 14.38
C ASN B 243 40.78 4.83 15.26
N PRO B 244 40.93 3.52 15.48
CA PRO B 244 39.92 2.81 16.29
C PRO B 244 39.76 3.35 17.69
N GLY B 245 40.82 3.92 18.28
CA GLY B 245 40.76 4.30 19.68
C GLY B 245 40.79 3.14 20.66
N VAL B 246 41.00 1.92 20.17
CA VAL B 246 41.10 0.73 21.00
C VAL B 246 42.29 -0.10 20.53
N PRO B 247 42.84 -0.94 21.41
CA PRO B 247 43.99 -1.77 20.99
C PRO B 247 43.58 -3.03 20.22
N VAL B 248 43.20 -2.83 18.94
CA VAL B 248 42.50 -3.86 18.18
C VAL B 248 43.32 -5.13 18.08
N SER B 249 44.62 -4.99 17.83
CA SER B 249 45.50 -6.14 17.73
C SER B 249 45.52 -6.99 19.01
N GLU B 250 45.14 -6.41 20.15
CA GLU B 250 45.06 -7.17 21.40
C GLU B 250 43.70 -7.80 21.64
N MET B 251 42.72 -7.50 20.80
CA MET B 251 41.35 -7.94 20.99
C MET B 251 40.93 -9.06 20.05
N ILE B 252 41.49 -9.10 18.84
CA ILE B 252 41.05 -10.00 17.78
C ILE B 252 41.79 -11.34 17.92
N ASP B 253 41.26 -12.37 17.24
CA ASP B 253 41.90 -13.68 17.26
C ASP B 253 43.09 -13.67 16.31
N PRO B 254 44.30 -13.93 16.79
CA PRO B 254 45.49 -13.87 15.91
C PRO B 254 45.48 -14.89 14.79
N ARG B 255 44.84 -16.04 14.98
CA ARG B 255 44.82 -17.08 13.95
C ARG B 255 44.01 -16.69 12.72
N PHE B 256 43.26 -15.59 12.75
CA PHE B 256 42.30 -15.27 11.70
C PHE B 256 42.27 -13.76 11.47
N GLU B 257 43.45 -13.15 11.39
CA GLU B 257 43.53 -11.70 11.20
C GLU B 257 42.77 -11.25 9.94
N GLU B 258 42.80 -12.07 8.89
CA GLU B 258 42.16 -11.68 7.63
C GLU B 258 40.68 -11.38 7.84
N ASP B 259 40.01 -12.20 8.66
CA ASP B 259 38.57 -12.15 8.87
C ASP B 259 38.09 -10.80 9.40
N TYR B 260 38.97 -9.94 9.90
CA TYR B 260 38.51 -8.72 10.51
C TYR B 260 38.60 -7.50 9.60
N ASN B 261 39.42 -7.52 8.56
CA ASN B 261 39.55 -6.34 7.69
C ASN B 261 38.67 -6.50 6.46
N VAL B 262 37.85 -5.48 6.20
CA VAL B 262 36.84 -5.60 5.15
C VAL B 262 37.44 -5.73 3.75
N ASN B 263 38.68 -5.26 3.53
CA ASN B 263 39.27 -5.34 2.20
C ASN B 263 39.46 -6.79 1.75
N TYR B 264 39.70 -7.70 2.68
CA TYR B 264 39.86 -9.11 2.32
C TYR B 264 38.61 -9.70 1.66
N ARG B 265 37.47 -9.03 1.74
CA ARG B 265 36.23 -9.63 1.24
C ARG B 265 35.98 -9.28 -0.23
N SER B 277 43.59 -5.91 2.20
CA SER B 277 44.17 -5.61 3.51
C SER B 277 44.39 -4.10 3.70
N GLU B 278 43.32 -3.31 3.58
CA GLU B 278 43.43 -1.85 3.56
C GLU B 278 42.45 -1.21 4.55
N LEU B 279 42.97 -0.29 5.37
CA LEU B 279 42.13 0.52 6.24
C LEU B 279 41.18 1.37 5.40
N LYS B 280 40.05 1.75 6.01
CA LYS B 280 38.99 2.42 5.29
C LYS B 280 38.65 3.77 5.92
N ASN B 281 38.21 4.68 5.08
CA ASN B 281 37.80 6.02 5.51
C ASN B 281 36.74 6.50 4.53
N ASN B 282 36.33 7.76 4.70
CA ASN B 282 35.44 8.37 3.73
C ASN B 282 36.16 8.67 2.42
N VAL B 285 35.79 2.93 -0.08
CA VAL B 285 34.50 2.63 0.54
C VAL B 285 33.43 2.50 -0.57
N ASP B 286 33.59 1.45 -1.38
CA ASP B 286 32.65 1.17 -2.46
C ASP B 286 31.44 0.41 -1.94
N GLY B 287 30.47 0.18 -2.84
CA GLY B 287 29.29 -0.58 -2.51
C GLY B 287 29.56 -2.06 -2.30
N SER B 288 30.65 -2.58 -2.87
CA SER B 288 31.07 -3.94 -2.55
C SER B 288 31.45 -4.07 -1.09
N ASP B 289 32.19 -3.08 -0.58
CA ASP B 289 32.48 -3.00 0.85
C ASP B 289 31.19 -3.04 1.67
N ILE B 290 30.27 -2.10 1.38
CA ILE B 290 29.02 -2.01 2.15
C ILE B 290 28.28 -3.35 2.14
N MET B 291 28.17 -3.98 0.97
CA MET B 291 27.52 -5.28 0.86
C MET B 291 28.13 -6.30 1.81
N ASN B 292 29.45 -6.37 1.87
CA ASN B 292 30.13 -7.36 2.72
C ASN B 292 30.45 -6.85 4.12
N TRP B 293 30.20 -5.58 4.41
CA TRP B 293 30.46 -4.99 5.73
C TRP B 293 29.18 -4.95 6.56
N THR B 294 28.14 -4.30 6.05
CA THR B 294 26.87 -4.18 6.77
C THR B 294 25.65 -4.56 5.93
N GLY B 295 25.81 -4.79 4.63
CA GLY B 295 24.67 -4.93 3.76
C GLY B 295 24.16 -6.35 3.61
N PRO B 296 23.28 -6.56 2.63
CA PRO B 296 22.62 -7.85 2.50
C PRO B 296 23.57 -9.01 2.22
N GLY B 297 24.81 -8.75 1.81
CA GLY B 297 25.74 -9.86 1.64
C GLY B 297 26.10 -10.53 2.95
N ILE B 298 26.46 -9.73 3.96
CA ILE B 298 26.88 -10.31 5.23
C ILE B 298 25.68 -10.81 6.03
N PHE B 299 24.53 -10.13 5.94
CA PHE B 299 23.31 -10.62 6.58
C PHE B 299 23.03 -12.06 6.16
N SER B 300 23.02 -12.30 4.84
CA SER B 300 22.77 -13.64 4.33
C SER B 300 23.86 -14.63 4.78
N ASP B 301 25.14 -14.24 4.66
CA ASP B 301 26.22 -15.11 5.11
C ASP B 301 26.04 -15.52 6.56
N ILE B 302 25.67 -14.57 7.42
CA ILE B 302 25.54 -14.89 8.84
C ILE B 302 24.35 -15.80 9.08
N ILE B 303 23.26 -15.60 8.31
CA ILE B 303 22.08 -16.47 8.44
C ILE B 303 22.45 -17.92 8.10
N PHE B 304 23.17 -18.14 7.00
CA PHE B 304 23.55 -19.52 6.64
C PHE B 304 24.63 -20.06 7.55
N GLU B 305 25.55 -19.20 8.03
CA GLU B 305 26.50 -19.65 9.04
C GLU B 305 25.79 -20.18 10.28
N TYR B 306 24.74 -19.48 10.73
CA TYR B 306 24.01 -19.92 11.91
C TYR B 306 23.24 -21.21 11.63
N MET B 307 22.50 -21.25 10.51
CA MET B 307 21.73 -22.44 10.20
C MET B 307 22.60 -23.68 10.12
N ASN B 308 23.79 -23.58 9.53
CA ASN B 308 24.62 -24.77 9.41
C ASN B 308 25.30 -25.13 10.73
N ASN B 309 25.52 -24.13 11.58
CA ASN B 309 26.07 -24.40 12.90
C ASN B 309 25.09 -25.22 13.72
N VAL B 310 23.82 -24.82 13.74
CA VAL B 310 22.86 -25.45 14.62
C VAL B 310 22.52 -26.87 14.15
N LEU B 311 22.63 -27.14 12.84
CA LEU B 311 22.45 -28.50 12.34
C LEU B 311 23.61 -29.40 12.75
N ARG B 312 24.79 -28.83 12.93
CA ARG B 312 25.93 -29.64 13.37
C ARG B 312 25.85 -30.00 14.86
N TYR B 313 25.27 -29.12 15.68
CA TYR B 313 25.35 -29.23 17.14
C TYR B 313 24.06 -29.65 17.81
N ASN B 314 22.96 -29.76 17.08
CA ASN B 314 21.69 -30.08 17.69
C ASN B 314 20.96 -31.13 16.87
N SER B 315 20.24 -32.00 17.56
CA SER B 315 19.49 -33.06 16.93
C SER B 315 18.00 -32.78 16.89
N ASP B 316 17.58 -31.57 17.27
CA ASP B 316 16.18 -31.21 17.37
C ASP B 316 15.81 -29.98 16.55
N ILE B 317 16.58 -29.64 15.51
CA ILE B 317 16.30 -28.41 14.76
C ILE B 317 15.07 -28.61 13.90
N LEU B 318 14.07 -27.74 14.05
CA LEU B 318 12.84 -27.85 13.28
C LEU B 318 13.04 -27.26 11.89
N LEU B 319 12.77 -28.08 10.87
CA LEU B 319 12.81 -27.67 9.47
C LEU B 319 11.42 -27.93 8.89
N ILE B 320 10.70 -26.87 8.54
CA ILE B 320 9.37 -26.97 7.95
C ILE B 320 9.37 -26.25 6.61
N ASN B 321 9.01 -26.97 5.55
CA ASN B 321 8.96 -26.40 4.21
C ASN B 321 7.71 -26.90 3.54
N PRO B 322 6.60 -26.17 3.67
CA PRO B 322 5.35 -26.61 3.02
C PRO B 322 5.45 -26.61 1.51
N ASN B 323 6.42 -25.92 0.94
CA ASN B 323 6.58 -25.90 -0.50
C ASN B 323 7.13 -27.20 -1.05
N LEU B 324 7.33 -28.21 -0.21
CA LEU B 324 7.86 -29.51 -0.63
C LEU B 324 6.80 -30.60 -0.63
N SER B 350 7.16 -26.51 -7.08
CA SER B 350 8.25 -25.80 -7.72
C SER B 350 9.53 -25.86 -6.88
N THR B 351 9.41 -25.61 -5.57
CA THR B 351 10.46 -26.07 -4.66
C THR B 351 10.57 -27.58 -4.66
N ARG B 352 9.47 -28.28 -5.03
CA ARG B 352 9.49 -29.73 -5.15
C ARG B 352 10.55 -30.21 -6.14
N LYS B 353 10.75 -29.45 -7.22
CA LYS B 353 11.78 -29.77 -8.21
C LYS B 353 13.14 -30.00 -7.57
N PHE B 354 13.35 -29.50 -6.36
CA PHE B 354 14.63 -29.60 -5.67
C PHE B 354 14.61 -30.60 -4.52
N TYR B 355 13.51 -31.34 -4.37
CA TYR B 355 13.31 -32.20 -3.20
C TYR B 355 14.54 -33.06 -2.91
N LYS B 356 15.12 -33.68 -3.95
CA LYS B 356 16.19 -34.65 -3.73
C LYS B 356 17.51 -33.95 -3.42
N LYS B 357 17.81 -32.85 -4.12
CA LYS B 357 18.98 -32.06 -3.77
C LYS B 357 18.87 -31.56 -2.34
N ILE B 358 17.66 -31.21 -1.92
CA ILE B 358 17.44 -30.66 -0.59
C ILE B 358 17.59 -31.75 0.46
N SER B 359 16.86 -32.87 0.29
CA SER B 359 16.96 -34.00 1.21
C SER B 359 18.40 -34.47 1.36
N GLU B 360 19.15 -34.52 0.26
CA GLU B 360 20.53 -34.99 0.32
C GLU B 360 21.42 -34.00 1.05
N SER B 361 21.32 -32.70 0.71
CA SER B 361 22.03 -31.67 1.46
C SER B 361 21.81 -31.82 2.95
N LEU B 362 20.55 -31.96 3.35
CA LEU B 362 20.24 -32.07 4.78
C LEU B 362 20.69 -33.41 5.33
N GLN B 363 20.27 -34.50 4.68
CA GLN B 363 20.44 -35.83 5.23
C GLN B 363 21.81 -36.43 4.99
N SER B 364 22.56 -35.97 3.99
CA SER B 364 23.91 -36.47 3.78
C SER B 364 24.99 -35.47 4.18
N SER B 365 24.84 -34.19 3.84
CA SER B 365 25.88 -33.22 4.13
C SER B 365 25.64 -32.45 5.41
N ASN B 366 24.43 -32.54 5.99
CA ASN B 366 24.08 -31.83 7.21
C ASN B 366 24.19 -30.31 7.06
N SER B 367 23.85 -29.80 5.87
CA SER B 367 23.95 -28.37 5.61
C SER B 367 22.70 -27.86 4.90
N MET B 368 22.39 -26.58 5.13
CA MET B 368 21.16 -26.01 4.65
C MET B 368 21.39 -25.53 3.22
N PRO B 369 20.75 -26.13 2.22
CA PRO B 369 20.99 -25.73 0.83
C PRO B 369 20.24 -24.44 0.51
N TRP B 370 20.82 -23.67 -0.41
CA TRP B 370 20.08 -22.49 -0.88
C TRP B 370 18.77 -22.88 -1.54
N GLU B 371 18.70 -24.08 -2.14
CA GLU B 371 17.51 -24.56 -2.83
C GLU B 371 16.31 -24.72 -1.90
N PHE B 372 16.56 -24.89 -0.59
CA PHE B 372 15.48 -24.87 0.40
C PHE B 372 14.61 -23.64 0.27
N PHE B 373 15.16 -22.55 -0.24
CA PHE B 373 14.47 -21.26 -0.27
C PHE B 373 14.02 -20.86 -1.66
N SER B 374 14.04 -21.77 -2.62
CA SER B 374 13.70 -21.42 -3.99
C SER B 374 12.21 -21.65 -4.22
N PHE B 375 11.60 -20.73 -4.99
CA PHE B 375 10.21 -20.82 -5.40
C PHE B 375 9.28 -20.88 -4.20
N LEU B 376 9.63 -20.20 -3.11
CA LEU B 376 8.75 -20.18 -1.95
C LEU B 376 7.45 -19.48 -2.30
N LYS B 377 6.33 -20.11 -1.96
CA LYS B 377 5.03 -19.46 -1.97
C LYS B 377 4.43 -19.36 -0.59
N GLU B 378 4.80 -20.25 0.33
CA GLU B 378 4.36 -20.23 1.70
C GLU B 378 5.58 -20.05 2.61
N PRO B 379 5.39 -19.53 3.82
CA PRO B 379 6.52 -19.40 4.75
C PRO B 379 7.14 -20.76 5.06
N VAL B 380 8.45 -20.74 5.32
CA VAL B 380 9.17 -21.92 5.77
C VAL B 380 9.84 -21.58 7.09
N ILE B 381 10.13 -22.63 7.88
CA ILE B 381 10.73 -22.52 9.21
C ILE B 381 12.09 -23.22 9.21
N VAL B 382 13.12 -22.54 9.69
CA VAL B 382 14.41 -23.16 9.96
C VAL B 382 14.81 -22.80 11.38
N ASP B 383 14.82 -23.80 12.28
CA ASP B 383 14.97 -23.58 13.72
C ASP B 383 13.91 -22.59 14.22
N ASP B 384 14.29 -21.38 14.67
CA ASP B 384 13.30 -20.38 15.08
C ASP B 384 13.21 -19.22 14.09
N VAL B 385 13.70 -19.42 12.86
CA VAL B 385 13.72 -18.41 11.83
C VAL B 385 12.58 -18.67 10.85
N MET B 386 11.75 -17.65 10.61
CA MET B 386 10.69 -17.76 9.61
C MET B 386 11.15 -16.99 8.38
N VAL B 387 11.20 -17.67 7.23
CA VAL B 387 11.58 -17.07 5.97
C VAL B 387 10.33 -16.99 5.09
N LEU B 388 10.02 -15.78 4.64
CA LEU B 388 8.83 -15.45 3.89
C LEU B 388 9.12 -15.39 2.39
N PRO B 389 8.10 -15.71 1.59
CA PRO B 389 8.20 -15.57 0.13
C PRO B 389 8.56 -14.16 -0.31
N ILE B 390 9.06 -14.06 -1.55
CA ILE B 390 9.36 -12.77 -2.16
C ILE B 390 8.17 -11.82 -2.06
N THR B 391 6.95 -12.35 -2.18
CA THR B 391 5.74 -11.55 -2.16
C THR B 391 5.53 -10.79 -0.84
N SER B 392 6.11 -11.28 0.27
CA SER B 392 5.75 -10.75 1.58
C SER B 392 6.29 -9.33 1.81
N PHE B 393 7.58 -9.12 1.56
CA PHE B 393 8.21 -7.81 1.70
C PHE B 393 8.62 -7.20 0.38
N SER B 394 8.48 -7.93 -0.73
CA SER B 394 8.79 -7.37 -2.05
C SER B 394 7.68 -7.65 -3.07
N PRO B 395 6.42 -7.36 -2.74
CA PRO B 395 5.34 -7.65 -3.69
C PRO B 395 5.45 -6.74 -4.90
N ASP B 396 4.89 -7.22 -6.01
CA ASP B 396 4.95 -6.58 -7.33
C ASP B 396 6.38 -6.61 -7.86
N ALA B 402 7.12 -11.31 -6.34
CA ALA B 402 6.83 -12.35 -7.32
C ALA B 402 5.34 -12.36 -7.62
N GLN B 403 4.53 -12.16 -6.58
CA GLN B 403 3.10 -11.98 -6.72
C GLN B 403 2.71 -10.56 -6.28
N SER B 404 1.45 -10.21 -6.51
CA SER B 404 0.97 -8.84 -6.35
C SER B 404 0.65 -8.52 -4.89
N SER B 405 0.62 -7.22 -4.60
CA SER B 405 0.36 -6.74 -3.25
C SER B 405 -1.06 -7.00 -2.78
N ASP B 406 -1.91 -7.66 -3.57
CA ASP B 406 -3.22 -8.09 -3.12
C ASP B 406 -3.19 -9.51 -2.55
N ASP B 407 -2.20 -10.30 -2.95
CA ASP B 407 -2.03 -11.69 -2.53
C ASP B 407 -2.13 -11.86 -1.03
N LYS B 408 -2.47 -13.07 -0.58
CA LYS B 408 -2.54 -13.35 0.86
C LYS B 408 -1.20 -13.17 1.54
N MET B 409 -0.11 -13.28 0.79
CA MET B 409 1.21 -13.31 1.40
C MET B 409 1.88 -11.94 1.42
N ALA B 410 1.22 -10.88 0.94
CA ALA B 410 1.86 -9.57 0.82
C ALA B 410 1.60 -8.78 2.10
N PHE B 411 2.67 -8.37 2.79
CA PHE B 411 2.57 -7.70 4.09
C PHE B 411 3.14 -6.29 4.09
N VAL B 412 4.14 -6.02 3.28
CA VAL B 412 4.83 -4.73 3.24
C VAL B 412 5.18 -4.49 1.79
N LYS B 413 4.95 -3.27 1.30
CA LYS B 413 5.43 -2.91 -0.04
C LYS B 413 6.64 -1.99 0.07
N HIS B 414 7.69 -2.32 -0.67
CA HIS B 414 8.85 -1.45 -0.80
C HIS B 414 8.57 -0.41 -1.89
N MET B 415 8.62 0.88 -1.53
CA MET B 415 8.24 1.97 -2.44
C MET B 415 9.45 2.74 -3.00
C1 NAG C . 32.24 -11.60 9.10
C2 NAG C . 33.53 -12.39 9.40
C3 NAG C . 34.25 -12.74 8.09
C4 NAG C . 33.32 -13.38 7.06
C5 NAG C . 32.07 -12.53 6.88
C6 NAG C . 31.03 -13.19 5.98
C7 NAG C . 34.34 -11.69 11.61
C8 NAG C . 35.32 -10.84 12.35
N2 NAG C . 34.40 -11.63 10.28
O3 NAG C . 35.29 -13.67 8.43
O4 NAG C . 33.99 -13.49 5.81
O5 NAG C . 31.44 -12.32 8.15
O6 NAG C . 30.65 -14.45 6.50
O7 NAG C . 33.50 -12.38 12.21
C1 NAG C . 34.13 -14.87 5.39
C2 NAG C . 34.36 -14.90 3.87
C3 NAG C . 34.56 -16.33 3.40
C4 NAG C . 35.70 -16.99 4.17
C5 NAG C . 35.44 -16.89 5.68
C6 NAG C . 36.58 -17.41 6.51
C7 NAG C . 33.33 -13.06 2.61
C8 NAG C . 32.09 -12.57 1.92
N2 NAG C . 33.24 -14.28 3.17
O3 NAG C . 34.88 -16.32 2.01
O4 NAG C . 35.85 -18.35 3.79
O5 NAG C . 35.24 -15.52 6.06
O6 NAG C . 37.65 -16.48 6.56
O7 NAG C . 34.36 -12.39 2.66
C1 NAG D . 3.90 19.93 -6.83
C2 NAG D . 4.49 19.53 -5.46
C3 NAG D . 5.94 20.02 -5.34
C4 NAG D . 6.76 19.57 -6.53
C5 NAG D . 6.07 20.02 -7.82
C6 NAG D . 6.77 19.57 -9.08
C7 NAG D . 3.09 19.31 -3.47
C8 NAG D . 2.28 20.03 -2.43
N2 NAG D . 3.68 20.08 -4.39
O3 NAG D . 6.55 19.51 -4.16
O4 NAG D . 8.04 20.19 -6.41
O5 NAG D . 4.75 19.45 -7.87
O6 NAG D . 6.80 18.16 -9.20
O7 NAG D . 3.22 18.09 -3.47
C1 NAG D . 9.08 19.20 -6.55
C2 NAG D . 10.41 19.97 -6.48
C3 NAG D . 11.60 19.00 -6.46
C4 NAG D . 11.37 17.85 -5.48
C5 NAG D . 10.00 17.24 -5.72
C6 NAG D . 9.65 16.09 -4.79
C7 NAG D . 10.42 22.21 -7.47
C8 NAG D . 10.54 23.00 -8.75
N2 NAG D . 10.53 20.88 -7.60
O3 NAG D . 12.75 19.75 -6.08
O4 NAG D . 12.38 16.86 -5.68
O5 NAG D . 9.01 18.25 -5.53
O6 NAG D . 9.57 14.85 -5.48
O7 NAG D . 10.22 22.74 -6.38
C1 BMA D . 13.06 16.62 -4.44
C2 BMA D . 14.01 15.42 -4.72
C3 BMA D . 14.98 15.20 -3.53
C4 BMA D . 15.60 16.51 -3.03
C5 BMA D . 14.48 17.51 -2.71
C6 BMA D . 14.96 18.83 -2.08
O2 BMA D . 14.80 15.64 -5.89
O3 BMA D . 15.98 14.26 -3.88
O4 BMA D . 16.38 16.27 -1.85
O5 BMA D . 13.78 17.77 -3.94
O6 BMA D . 15.66 19.61 -3.05
C1 MAN D . 15.57 12.94 -3.46
C2 MAN D . 16.84 12.06 -3.41
C3 MAN D . 17.33 11.77 -4.84
C4 MAN D . 16.19 11.18 -5.71
C5 MAN D . 14.98 12.14 -5.71
C6 MAN D . 13.77 11.61 -6.46
O2 MAN D . 16.55 10.79 -2.84
O3 MAN D . 18.46 10.91 -4.85
O4 MAN D . 16.65 10.97 -7.03
O5 MAN D . 14.57 12.38 -4.35
O6 MAN D . 13.66 12.33 -7.70
C1 MAN D . 16.95 10.75 -1.45
C2 MAN D . 17.37 9.30 -1.14
C3 MAN D . 16.15 8.38 -1.33
C4 MAN D . 14.92 8.89 -0.52
C5 MAN D . 14.67 10.42 -0.78
C6 MAN D . 13.61 11.05 0.13
O2 MAN D . 17.79 9.15 0.23
O3 MAN D . 16.42 7.00 -1.01
O4 MAN D . 13.78 8.12 -0.89
O5 MAN D . 15.90 11.17 -0.60
O6 MAN D . 13.69 12.47 0.02
C1 NAG E . -30.62 6.14 -16.06
C2 NAG E . -31.75 6.37 -17.07
C3 NAG E . -31.86 5.21 -18.06
C4 NAG E . -30.51 4.83 -18.65
C5 NAG E . -29.51 4.62 -17.51
C6 NAG E . -28.11 4.28 -17.97
C7 NAG E . -33.48 7.77 -16.05
C8 NAG E . -34.81 7.80 -15.34
N2 NAG E . -33.01 6.57 -16.38
O3 NAG E . -32.73 5.59 -19.11
O4 NAG E . -30.65 3.62 -19.37
O5 NAG E . -29.42 5.82 -16.74
O6 NAG E . -27.69 5.12 -19.03
O7 NAG E . -32.86 8.81 -16.30
C1 NAG E . -30.26 3.72 -20.77
C2 NAG E . -29.97 2.31 -21.23
C3 NAG E . -29.55 2.31 -22.70
C4 NAG E . -30.54 3.09 -23.58
C5 NAG E . -30.90 4.43 -22.92
C6 NAG E . -32.04 5.15 -23.61
C7 NAG E . -29.14 0.63 -19.65
C8 NAG E . -27.94 0.14 -18.87
N2 NAG E . -28.93 1.69 -20.41
O3 NAG E . -29.45 0.95 -23.11
O4 NAG E . -29.93 3.45 -24.82
O5 NAG E . -31.29 4.25 -21.55
O6 NAG E . -33.30 4.56 -23.29
O7 NAG E . -30.23 0.07 -19.58
C1 BMA E . -30.02 2.68 -26.09
C2 BMA E . -30.29 1.15 -25.86
C3 BMA E . -30.15 0.38 -27.13
C4 BMA E . -31.21 0.95 -28.15
C5 BMA E . -31.05 2.52 -28.30
C6 BMA E . -32.10 3.17 -29.24
O2 BMA E . -31.62 0.90 -25.43
O3 BMA E . -30.26 -1.03 -26.78
O4 BMA E . -31.11 0.36 -29.44
O5 BMA E . -31.05 3.20 -26.99
O6 BMA E . -33.29 2.35 -29.30
C1 MAN E . -30.13 -2.07 -27.79
C2 MAN E . -29.65 -3.31 -27.04
C3 MAN E . -28.22 -3.04 -26.55
C4 MAN E . -27.26 -2.84 -27.73
C5 MAN E . -27.76 -1.74 -28.69
C6 MAN E . -27.11 -1.80 -30.08
O2 MAN E . -29.60 -4.45 -27.91
O3 MAN E . -27.72 -4.06 -25.71
O4 MAN E . -25.98 -2.46 -27.21
O5 MAN E . -29.24 -1.78 -28.90
O6 MAN E . -27.58 -0.68 -30.87
C1 NAG F . -5.19 -15.48 10.91
C2 NAG F . -6.14 -14.27 11.00
C3 NAG F . -7.56 -14.65 10.54
C4 NAG F . -7.53 -15.38 9.20
C5 NAG F . -6.58 -16.55 9.27
C6 NAG F . -6.47 -17.31 7.96
C7 NAG F . -5.97 -12.47 12.65
C8 NAG F . -6.05 -12.11 14.11
N2 NAG F . -6.18 -13.75 12.36
O3 NAG F . -8.35 -13.48 10.41
O4 NAG F . -8.84 -15.85 8.89
O5 NAG F . -5.26 -16.07 9.60
O6 NAG F . -7.58 -17.03 7.11
O7 NAG F . -5.72 -11.63 11.79
#